data_6BU1
#
_entry.id   6BU1
#
_cell.length_a   79.538
_cell.length_b   79.538
_cell.length_c   226.160
_cell.angle_alpha   90.00
_cell.angle_beta   90.00
_cell.angle_gamma   90.00
#
_symmetry.space_group_name_H-M   'P 43 21 2'
#
loop_
_entity.id
_entity.type
_entity.pdbx_description
1 polymer 'Malate synthase G'
2 non-polymer 'MAGNESIUM ION'
3 non-polymer '(2Z)-4-(2-bromo-3-hydroxyphenyl)-2-hydroxy-4-oxobut-2-enoic acid'
4 water water
#
_entity_poly.entity_id   1
_entity_poly.type   'polypeptide(L)'
_entity_poly.pdbx_seq_one_letter_code
;MTDRVSVGNLRIARVLYDFVNNEALPGTDIDPDSFWAGVDKVVADLTPQNQALLNARDELQAQIDKWHRRRVIEPIDMDA
YRQFLTEIGYLLPEPDDFTITTSGVDAEITTTAGPQLVVPVLNARFALNAANARWGSLYDALYGTDVIPETDGAEKGPTY
NKVRGDKVIAYARKFLDDSVPLSSGSFGDATGFTVQDGQLVVALPDKSTGLANPGQFAGYTGAAESPTSVLLINHGLHIE
ILIDPESQVGTTDRAGVKDVILESAITTIMDFEDSVAAVDAADKVLGYRNWLGLNKGDLAAAVDKDGTAFLRVLNRDRNY
TAPGGGQFTLPGRSLMFVRNVGHLMTNDAIVDTDGSEVFEGIMDALFTGLIAIHGLKASDVNGPLINSRTGSIYIVKPKM
HGPAEVAFTCELFSRVEDVLGLPQNTMKIGIMDEERRTTVNLKACIKAAADRVVFINTGFLDRTGDEIHTSMEAGPMVRK
GTMKSQPWILAYEDHNVDAGLAAGFSGRAQVGKGMWTMTELMADMVETKIAQPRAGASTAWVPSPTAATLHALHYHQVDV
AAVQQGLAGKRRATIEQLLTIPLAKELAWAPDEIREEVDNNCQSILGYVVRWVDQGVGASKVPDIHDVALMEDRATLRIS
SQLLANWLRHGVITSADVRASLERMAPLVDRQNAGDVAYRPMAPNFDDSIAFLAAQELILSGAQQPNGYTEPILHRRRRE
FKARAAEKPAPSDRAGDDAAR
;
_entity_poly.pdbx_strand_id   A
#
# COMPACT_ATOMS: atom_id res chain seq x y z
N ASP A 3 3.91 19.35 30.34
CA ASP A 3 3.64 18.41 29.26
C ASP A 3 4.12 18.91 27.88
N ARG A 4 4.44 20.19 27.75
CA ARG A 4 4.88 20.74 26.47
C ARG A 4 6.14 21.58 26.61
N VAL A 5 6.84 21.71 25.47
CA VAL A 5 8.12 22.40 25.37
C VAL A 5 7.97 23.55 24.38
N SER A 6 8.37 24.74 24.78
CA SER A 6 8.23 25.91 23.93
C SER A 6 9.48 26.07 23.08
N VAL A 7 9.30 26.07 21.76
CA VAL A 7 10.34 26.40 20.81
C VAL A 7 9.73 27.40 19.84
N GLY A 8 10.12 28.67 19.96
CA GLY A 8 9.52 29.67 19.09
C GLY A 8 8.03 29.75 19.33
N ASN A 9 7.26 29.66 18.26
CA ASN A 9 5.80 29.71 18.35
C ASN A 9 5.18 28.34 18.61
N LEU A 10 5.98 27.30 18.81
CA LEU A 10 5.47 25.95 18.94
C LEU A 10 5.53 25.45 20.37
N ARG A 11 4.58 24.58 20.70
CA ARG A 11 4.50 23.95 22.02
C ARG A 11 4.47 22.44 21.76
N ILE A 12 5.61 21.80 21.97
CA ILE A 12 5.85 20.43 21.52
C ILE A 12 5.56 19.47 22.66
N ALA A 13 4.75 18.44 22.39
CA ALA A 13 4.49 17.43 23.42
C ALA A 13 5.82 16.86 23.91
N ARG A 14 5.96 16.78 25.24
CA ARG A 14 7.25 16.39 25.82
C ARG A 14 7.74 15.05 25.29
N VAL A 15 6.82 14.08 25.09
CA VAL A 15 7.23 12.75 24.63
C VAL A 15 7.86 12.83 23.25
N LEU A 16 7.35 13.72 22.39
CA LEU A 16 7.94 13.90 21.07
C LEU A 16 9.26 14.67 21.16
N TYR A 17 9.31 15.74 21.97
CA TYR A 17 10.55 16.49 22.12
C TYR A 17 11.68 15.57 22.57
N ASP A 18 11.41 14.75 23.59
CA ASP A 18 12.40 13.81 24.12
C ASP A 18 12.81 12.79 23.08
N PHE A 19 11.82 12.23 22.35
CA PHE A 19 12.14 11.22 21.36
C PHE A 19 13.09 11.76 20.30
N VAL A 20 12.77 12.93 19.76
CA VAL A 20 13.60 13.51 18.71
C VAL A 20 15.01 13.80 19.24
N ASN A 21 15.11 14.46 20.41
CA ASN A 21 16.42 14.83 20.94
C ASN A 21 17.25 13.60 21.29
N ASN A 22 16.65 12.64 21.99
CA ASN A 22 17.41 11.53 22.53
C ASN A 22 17.57 10.36 21.57
N GLU A 23 16.66 10.20 20.62
CA GLU A 23 16.66 9.01 19.75
C GLU A 23 16.87 9.35 18.29
N ALA A 24 16.12 10.31 17.74
CA ALA A 24 16.21 10.58 16.30
C ALA A 24 17.44 11.41 15.93
N LEU A 25 17.75 12.46 16.68
CA LEU A 25 18.84 13.35 16.24
C LEU A 25 20.26 12.79 16.42
N PRO A 26 20.57 12.06 17.50
CA PRO A 26 21.95 11.58 17.68
C PRO A 26 22.39 10.67 16.53
N GLY A 27 23.53 11.00 15.95
CA GLY A 27 24.04 10.28 14.81
C GLY A 27 23.82 10.97 13.48
N THR A 28 22.96 11.97 13.42
CA THR A 28 22.71 12.72 12.19
C THR A 28 23.59 13.94 12.04
N ASP A 29 24.33 14.32 13.08
CA ASP A 29 25.15 15.53 13.10
C ASP A 29 24.32 16.80 12.93
N ILE A 30 23.01 16.74 13.15
CA ILE A 30 22.16 17.93 13.13
C ILE A 30 22.07 18.47 14.54
N ASP A 31 22.32 19.76 14.69
CA ASP A 31 22.27 20.39 16.00
CA ASP A 31 22.27 20.36 16.00
C ASP A 31 20.82 20.49 16.46
N PRO A 32 20.50 20.02 17.67
CA PRO A 32 19.10 20.05 18.11
C PRO A 32 18.45 21.42 18.08
N ASP A 33 19.14 22.46 18.55
CA ASP A 33 18.53 23.79 18.51
CA ASP A 33 18.55 23.80 18.52
C ASP A 33 18.25 24.24 17.08
N SER A 34 19.15 23.92 16.15
CA SER A 34 18.92 24.29 14.75
C SER A 34 17.77 23.48 14.16
N PHE A 35 17.68 22.20 14.52
CA PHE A 35 16.55 21.41 14.03
C PHE A 35 15.23 22.03 14.47
N TRP A 36 15.08 22.33 15.76
CA TRP A 36 13.80 22.79 16.26
C TRP A 36 13.45 24.19 15.75
N ALA A 37 14.46 25.05 15.58
CA ALA A 37 14.23 26.32 14.91
C ALA A 37 13.77 26.11 13.47
N GLY A 38 14.33 25.10 12.78
CA GLY A 38 13.85 24.74 11.45
C GLY A 38 12.40 24.29 11.45
N VAL A 39 12.03 23.43 12.41
CA VAL A 39 10.64 23.03 12.54
C VAL A 39 9.73 24.25 12.69
N ASP A 40 10.09 25.14 13.61
CA ASP A 40 9.27 26.33 13.85
C ASP A 40 9.12 27.17 12.59
N LYS A 41 10.21 27.38 11.86
CA LYS A 41 10.14 28.22 10.66
C LYS A 41 9.37 27.53 9.53
N VAL A 42 9.59 26.23 9.33
CA VAL A 42 8.86 25.52 8.27
C VAL A 42 7.36 25.52 8.57
N VAL A 43 6.99 25.23 9.82
CA VAL A 43 5.59 25.25 10.19
C VAL A 43 4.99 26.63 9.95
N ALA A 44 5.68 27.68 10.43
CA ALA A 44 5.14 29.02 10.26
C ALA A 44 5.00 29.39 8.79
N ASP A 45 6.00 29.05 7.97
CA ASP A 45 6.02 29.47 6.57
C ASP A 45 5.01 28.73 5.71
N LEU A 46 4.80 27.43 5.95
CA LEU A 46 4.04 26.60 5.02
C LEU A 46 2.60 26.36 5.43
N THR A 47 2.25 26.57 6.70
CA THR A 47 0.86 26.35 7.13
C THR A 47 -0.15 27.18 6.34
N PRO A 48 0.09 28.47 6.01
CA PRO A 48 -0.91 29.21 5.23
C PRO A 48 -1.28 28.53 3.91
N GLN A 49 -0.28 28.12 3.13
CA GLN A 49 -0.59 27.46 1.86
CA GLN A 49 -0.54 27.43 1.87
C GLN A 49 -1.27 26.12 2.09
N ASN A 50 -0.90 25.40 3.15
CA ASN A 50 -1.57 24.14 3.48
C ASN A 50 -3.06 24.38 3.74
N GLN A 51 -3.39 25.38 4.56
CA GLN A 51 -4.79 25.68 4.81
C GLN A 51 -5.48 26.16 3.53
N ALA A 52 -4.78 26.95 2.71
CA ALA A 52 -5.39 27.47 1.50
C ALA A 52 -5.78 26.34 0.55
N LEU A 53 -4.88 25.36 0.40
CA LEU A 53 -5.19 24.20 -0.43
C LEU A 53 -6.43 23.47 0.11
N LEU A 54 -6.51 23.27 1.42
CA LEU A 54 -7.67 22.58 1.97
C LEU A 54 -8.95 23.38 1.74
N ASN A 55 -8.88 24.70 1.87
CA ASN A 55 -10.07 25.50 1.58
C ASN A 55 -10.46 25.37 0.11
N ALA A 56 -9.48 25.28 -0.78
CA ALA A 56 -9.78 25.17 -2.21
C ALA A 56 -10.56 23.90 -2.51
N ARG A 57 -10.17 22.78 -1.87
CA ARG A 57 -10.95 21.55 -2.00
C ARG A 57 -12.42 21.79 -1.64
N ASP A 58 -12.66 22.44 -0.49
CA ASP A 58 -14.03 22.67 -0.04
C ASP A 58 -14.81 23.56 -1.01
N GLU A 59 -14.17 24.63 -1.50
CA GLU A 59 -14.85 25.51 -2.46
C GLU A 59 -15.21 24.77 -3.74
N LEU A 60 -14.27 23.99 -4.28
CA LEU A 60 -14.56 23.23 -5.50
C LEU A 60 -15.70 22.24 -5.27
N GLN A 61 -15.67 21.51 -4.15
CA GLN A 61 -16.74 20.55 -3.89
C GLN A 61 -18.09 21.25 -3.76
N ALA A 62 -18.11 22.42 -3.12
CA ALA A 62 -19.36 23.17 -2.98
C ALA A 62 -19.92 23.58 -4.34
N GLN A 63 -19.05 23.98 -5.27
CA GLN A 63 -19.51 24.37 -6.60
C GLN A 63 -20.08 23.17 -7.34
N ILE A 64 -19.39 22.03 -7.27
CA ILE A 64 -19.86 20.82 -7.93
C ILE A 64 -21.19 20.35 -7.33
N ASP A 65 -21.29 20.32 -5.98
CA ASP A 65 -22.54 19.98 -5.32
C ASP A 65 -23.69 20.81 -5.90
N LYS A 66 -23.49 22.13 -5.92
CA LYS A 66 -24.56 23.03 -6.36
C LYS A 66 -24.87 22.83 -7.82
N TRP A 67 -23.84 22.62 -8.65
CA TRP A 67 -24.05 22.34 -10.06
C TRP A 67 -24.98 21.13 -10.26
N HIS A 68 -24.75 20.04 -9.53
CA HIS A 68 -25.60 18.86 -9.69
C HIS A 68 -27.03 19.12 -9.21
N ARG A 69 -27.19 19.92 -8.16
CA ARG A 69 -28.53 20.20 -7.64
C ARG A 69 -29.33 21.05 -8.61
N ARG A 70 -28.67 21.86 -9.42
CA ARG A 70 -29.32 22.71 -10.40
C ARG A 70 -29.43 22.07 -11.77
N ARG A 71 -29.17 20.77 -11.88
CA ARG A 71 -29.25 20.07 -13.15
CA ARG A 71 -29.26 20.08 -13.16
C ARG A 71 -30.68 19.59 -13.37
N VAL A 72 -31.21 19.85 -14.56
CA VAL A 72 -32.56 19.46 -14.92
C VAL A 72 -32.56 18.22 -15.80
N ILE A 73 -31.68 18.18 -16.80
CA ILE A 73 -31.65 17.09 -17.78
C ILE A 73 -31.23 15.80 -17.10
N GLU A 74 -31.97 14.71 -17.38
CA GLU A 74 -31.67 13.43 -16.75
C GLU A 74 -30.28 12.91 -17.13
N PRO A 75 -29.99 12.61 -18.41
CA PRO A 75 -28.61 12.23 -18.74
C PRO A 75 -27.71 13.45 -18.63
N ILE A 76 -26.68 13.34 -17.80
CA ILE A 76 -25.78 14.47 -17.60
C ILE A 76 -25.17 14.86 -18.95
N ASP A 77 -25.34 16.13 -19.33
CA ASP A 77 -24.65 16.68 -20.49
C ASP A 77 -23.17 16.70 -20.15
N MET A 78 -22.40 15.75 -20.71
CA MET A 78 -20.99 15.64 -20.37
C MET A 78 -20.17 16.81 -20.92
N ASP A 79 -20.58 17.36 -22.06
CA ASP A 79 -19.90 18.54 -22.58
C ASP A 79 -20.06 19.74 -21.65
N ALA A 80 -21.27 19.94 -21.12
CA ALA A 80 -21.49 21.02 -20.15
C ALA A 80 -20.75 20.76 -18.86
N TYR A 81 -20.75 19.50 -18.39
CA TYR A 81 -20.04 19.13 -17.17
C TYR A 81 -18.54 19.38 -17.30
N ARG A 82 -17.95 18.92 -18.40
CA ARG A 82 -16.51 19.08 -18.58
C ARG A 82 -16.13 20.55 -18.69
N GLN A 83 -16.91 21.34 -19.41
CA GLN A 83 -16.57 22.76 -19.50
C GLN A 83 -16.74 23.47 -18.18
N PHE A 84 -17.67 23.00 -17.34
CA PHE A 84 -17.85 23.56 -16.01
C PHE A 84 -16.63 23.28 -15.13
N LEU A 85 -16.17 22.02 -15.12
CA LEU A 85 -14.97 21.68 -14.34
C LEU A 85 -13.77 22.47 -14.81
N THR A 86 -13.70 22.78 -16.10
CA THR A 86 -12.61 23.59 -16.63
C THR A 86 -12.72 25.03 -16.16
N GLU A 87 -13.95 25.55 -16.12
CA GLU A 87 -14.15 26.93 -15.73
C GLU A 87 -13.76 27.17 -14.27
N ILE A 88 -14.16 26.25 -13.38
CA ILE A 88 -13.90 26.46 -11.95
C ILE A 88 -12.47 26.10 -11.55
N GLY A 89 -11.63 25.66 -12.48
CA GLY A 89 -10.26 25.32 -12.17
C GLY A 89 -10.05 23.92 -11.65
N TYR A 90 -11.03 23.04 -11.82
CA TYR A 90 -10.91 21.65 -11.39
C TYR A 90 -10.14 20.85 -12.44
N LEU A 91 -10.55 20.96 -13.69
CA LEU A 91 -9.87 20.37 -14.81
C LEU A 91 -8.91 21.41 -15.38
N LEU A 92 -7.62 21.11 -15.35
CA LEU A 92 -6.63 22.08 -15.78
C LEU A 92 -6.03 21.69 -17.12
N PRO A 93 -5.38 22.62 -17.82
CA PRO A 93 -4.76 22.27 -19.10
C PRO A 93 -3.67 21.22 -18.92
N GLU A 94 -3.61 20.30 -19.89
CA GLU A 94 -2.57 19.29 -19.94
C GLU A 94 -1.27 19.92 -20.44
N PRO A 95 -0.16 19.79 -19.71
CA PRO A 95 1.10 20.35 -20.20
C PRO A 95 1.62 19.55 -21.39
N ASP A 96 2.65 20.11 -22.03
CA ASP A 96 3.29 19.42 -23.14
C ASP A 96 4.09 18.23 -22.63
N ASP A 97 4.35 17.28 -23.52
CA ASP A 97 5.05 16.06 -23.12
C ASP A 97 6.39 16.39 -22.48
N PHE A 98 6.82 15.53 -21.58
CA PHE A 98 8.07 15.71 -20.85
C PHE A 98 8.55 14.34 -20.40
N THR A 99 9.79 14.29 -19.94
CA THR A 99 10.39 13.10 -19.35
C THR A 99 10.86 13.47 -17.95
N ILE A 100 10.61 12.58 -16.97
CA ILE A 100 11.03 12.88 -15.60
C ILE A 100 12.56 12.84 -15.53
N THR A 101 13.10 13.61 -14.59
CA THR A 101 14.54 13.71 -14.44
C THR A 101 15.04 13.18 -13.10
N THR A 102 14.17 12.54 -12.32
CA THR A 102 14.54 12.00 -11.02
C THR A 102 15.78 11.12 -11.14
N SER A 103 16.77 11.41 -10.30
CA SER A 103 18.05 10.71 -10.35
C SER A 103 18.41 10.19 -8.97
N GLY A 104 19.42 9.33 -8.93
CA GLY A 104 19.88 8.80 -7.64
C GLY A 104 18.94 7.79 -7.02
N VAL A 105 18.14 7.11 -7.84
CA VAL A 105 17.10 6.18 -7.41
C VAL A 105 17.62 4.76 -7.51
N ASP A 106 17.25 3.93 -6.56
CA ASP A 106 17.75 2.56 -6.48
C ASP A 106 17.14 1.69 -7.56
N ALA A 107 17.89 0.65 -7.95
CA ALA A 107 17.46 -0.24 -9.03
C ALA A 107 16.13 -0.94 -8.73
N GLU A 108 15.83 -1.19 -7.45
CA GLU A 108 14.55 -1.79 -7.08
C GLU A 108 13.37 -0.96 -7.55
N ILE A 109 13.57 0.34 -7.77
CA ILE A 109 12.50 1.23 -8.19
C ILE A 109 12.57 1.54 -9.67
N THR A 110 13.77 1.79 -10.20
CA THR A 110 13.88 2.19 -11.60
C THR A 110 13.69 1.01 -12.54
N THR A 111 14.04 -0.19 -12.11
CA THR A 111 14.24 -1.28 -13.07
C THR A 111 13.52 -2.57 -12.72
N THR A 112 13.50 -2.96 -11.45
CA THR A 112 12.95 -4.25 -11.05
C THR A 112 11.44 -4.18 -10.93
N ALA A 113 10.73 -5.01 -11.71
CA ALA A 113 9.30 -5.17 -11.52
C ALA A 113 9.06 -6.31 -10.54
N GLY A 114 8.20 -6.06 -9.56
CA GLY A 114 7.90 -7.03 -8.53
C GLY A 114 6.97 -6.47 -7.49
N PRO A 115 6.56 -7.34 -6.55
CA PRO A 115 5.56 -6.94 -5.55
C PRO A 115 6.06 -5.82 -4.64
N GLN A 116 5.11 -5.02 -4.16
CA GLN A 116 5.38 -3.96 -3.18
C GLN A 116 4.47 -4.21 -2.00
N LEU A 117 5.06 -4.40 -0.82
CA LEU A 117 4.33 -4.77 0.37
C LEU A 117 4.08 -3.55 1.24
N VAL A 118 2.86 -3.41 1.74
CA VAL A 118 2.50 -2.30 2.63
C VAL A 118 2.16 -2.85 4.01
N VAL A 119 2.71 -2.22 5.05
CA VAL A 119 2.55 -2.70 6.42
C VAL A 119 2.39 -1.54 7.42
N PRO A 120 1.59 -1.69 8.48
CA PRO A 120 1.44 -0.60 9.46
C PRO A 120 2.72 -0.45 10.27
N VAL A 121 3.27 0.76 10.26
CA VAL A 121 4.56 0.99 10.91
C VAL A 121 4.46 0.88 12.43
N LEU A 122 3.26 0.98 13.00
CA LEU A 122 3.12 0.88 14.45
C LEU A 122 3.24 -0.55 14.96
N ASN A 123 3.22 -1.56 14.07
CA ASN A 123 3.35 -2.96 14.47
C ASN A 123 4.77 -3.42 14.18
N ALA A 124 5.61 -3.46 15.21
CA ALA A 124 7.03 -3.73 15.00
C ALA A 124 7.24 -5.11 14.37
N ARG A 125 6.50 -6.11 14.84
CA ARG A 125 6.67 -7.46 14.31
C ARG A 125 6.29 -7.53 12.83
N PHE A 126 5.17 -6.92 12.44
CA PHE A 126 4.81 -6.92 11.02
C PHE A 126 5.83 -6.15 10.20
N ALA A 127 6.29 -4.99 10.72
CA ALA A 127 7.27 -4.20 9.98
C ALA A 127 8.56 -4.97 9.78
N LEU A 128 9.00 -5.70 10.81
CA LEU A 128 10.21 -6.51 10.68
C LEU A 128 10.02 -7.60 9.63
N ASN A 129 8.89 -8.29 9.67
CA ASN A 129 8.63 -9.35 8.70
C ASN A 129 8.54 -8.79 7.29
N ALA A 130 8.02 -7.57 7.15
CA ALA A 130 7.91 -6.93 5.84
C ALA A 130 9.29 -6.58 5.29
N ALA A 131 10.15 -5.98 6.12
CA ALA A 131 11.49 -5.67 5.67
C ALA A 131 12.23 -6.92 5.24
N ASN A 132 11.99 -8.03 5.94
CA ASN A 132 12.62 -9.30 5.67
C ASN A 132 11.98 -10.06 4.51
N ALA A 133 10.88 -9.55 3.95
CA ALA A 133 10.12 -10.28 2.94
C ALA A 133 10.71 -10.19 1.53
N ARG A 134 11.90 -9.60 1.37
CA ARG A 134 12.57 -9.57 0.07
C ARG A 134 12.79 -10.98 -0.45
N TRP A 135 12.96 -11.94 0.46
CA TRP A 135 13.13 -13.34 0.11
C TRP A 135 12.11 -14.13 0.91
N GLY A 136 11.41 -15.05 0.25
CA GLY A 136 10.36 -15.79 0.92
C GLY A 136 10.24 -17.18 0.34
N SER A 137 9.76 -18.11 1.16
CA SER A 137 9.65 -19.51 0.76
C SER A 137 8.42 -19.73 -0.11
N LEU A 138 8.63 -20.20 -1.34
CA LEU A 138 7.49 -20.59 -2.16
C LEU A 138 6.77 -21.81 -1.59
N TYR A 139 7.51 -22.74 -1.00
CA TYR A 139 6.87 -23.93 -0.43
C TYR A 139 5.93 -23.56 0.68
N ASP A 140 6.38 -22.68 1.59
CA ASP A 140 5.54 -22.24 2.69
C ASP A 140 4.32 -21.51 2.17
N ALA A 141 4.52 -20.63 1.19
CA ALA A 141 3.40 -19.87 0.64
C ALA A 141 2.37 -20.79 0.00
N LEU A 142 2.82 -21.86 -0.66
CA LEU A 142 1.90 -22.80 -1.30
C LEU A 142 1.26 -23.73 -0.28
N TYR A 143 2.05 -24.28 0.65
CA TYR A 143 1.51 -25.25 1.60
C TYR A 143 0.51 -24.59 2.53
N GLY A 144 0.80 -23.37 2.97
CA GLY A 144 0.00 -22.72 3.97
C GLY A 144 -1.24 -22.00 3.48
N THR A 145 -1.50 -21.97 2.17
CA THR A 145 -2.64 -21.24 1.63
C THR A 145 -3.45 -22.15 0.74
N ASP A 146 -4.52 -21.60 0.19
CA ASP A 146 -5.44 -22.37 -0.64
C ASP A 146 -5.01 -22.45 -2.10
N VAL A 147 -3.80 -21.97 -2.44
CA VAL A 147 -3.30 -22.17 -3.80
C VAL A 147 -3.23 -23.65 -4.13
N ILE A 148 -2.82 -24.48 -3.17
CA ILE A 148 -2.91 -25.93 -3.28
C ILE A 148 -4.23 -26.33 -2.63
N PRO A 149 -5.23 -26.78 -3.38
CA PRO A 149 -6.53 -27.08 -2.77
C PRO A 149 -6.41 -28.16 -1.71
N GLU A 150 -7.28 -28.06 -0.70
CA GLU A 150 -7.34 -29.05 0.36
C GLU A 150 -8.27 -30.19 0.00
N THR A 151 -8.15 -30.69 -1.23
CA THR A 151 -9.07 -31.72 -1.71
C THR A 151 -8.64 -33.10 -1.24
N ASP A 152 -8.00 -33.83 -2.15
CA ASP A 152 -7.87 -35.29 -2.08
C ASP A 152 -6.75 -35.69 -1.14
N GLY A 153 -7.05 -35.77 0.15
CA GLY A 153 -6.06 -36.14 1.14
C GLY A 153 -4.95 -35.11 1.24
N ALA A 154 -5.16 -33.96 0.58
CA ALA A 154 -4.24 -32.84 0.62
C ALA A 154 -4.59 -31.82 1.69
N GLU A 155 -5.43 -32.20 2.65
CA GLU A 155 -5.83 -31.29 3.71
C GLU A 155 -4.67 -31.03 4.67
N LYS A 156 -4.62 -29.79 5.17
CA LYS A 156 -3.71 -29.46 6.25
C LYS A 156 -4.19 -30.09 7.55
N GLY A 157 -3.26 -30.29 8.47
CA GLY A 157 -3.57 -30.80 9.78
C GLY A 157 -2.49 -30.39 10.75
N PRO A 158 -2.48 -30.98 11.94
CA PRO A 158 -1.41 -30.65 12.90
C PRO A 158 -0.04 -31.05 12.41
N THR A 159 0.04 -32.11 11.59
CA THR A 159 1.30 -32.68 11.12
C THR A 159 1.45 -32.46 9.62
N TYR A 160 2.69 -32.46 9.17
CA TYR A 160 2.98 -32.35 7.74
C TYR A 160 2.29 -33.45 6.95
N ASN A 161 1.58 -33.07 5.89
CA ASN A 161 0.88 -33.98 5.02
C ASN A 161 1.69 -34.14 3.74
N LYS A 162 2.20 -35.35 3.50
CA LYS A 162 3.07 -35.58 2.35
C LYS A 162 2.34 -35.52 1.02
N VAL A 163 1.06 -35.90 0.98
CA VAL A 163 0.30 -35.74 -0.25
C VAL A 163 0.21 -34.27 -0.63
N ARG A 164 -0.05 -33.42 0.36
CA ARG A 164 -0.05 -31.98 0.10
C ARG A 164 1.34 -31.48 -0.25
N GLY A 165 2.36 -31.93 0.50
CA GLY A 165 3.72 -31.50 0.21
C GLY A 165 4.16 -31.85 -1.20
N ASP A 166 3.75 -33.02 -1.69
CA ASP A 166 4.13 -33.42 -3.04
C ASP A 166 3.45 -32.54 -4.09
N LYS A 167 2.21 -32.10 -3.84
CA LYS A 167 1.58 -31.16 -4.73
C LYS A 167 2.31 -29.81 -4.72
N VAL A 168 2.73 -29.38 -3.52
CA VAL A 168 3.54 -28.17 -3.42
C VAL A 168 4.79 -28.31 -4.27
N ILE A 169 5.49 -29.43 -4.12
CA ILE A 169 6.72 -29.66 -4.89
C ILE A 169 6.44 -29.63 -6.39
N ALA A 170 5.36 -30.30 -6.82
CA ALA A 170 5.06 -30.36 -8.25
C ALA A 170 4.71 -28.99 -8.82
N TYR A 171 3.95 -28.20 -8.06
CA TYR A 171 3.60 -26.84 -8.46
C TYR A 171 4.86 -26.01 -8.69
N ALA A 172 5.81 -26.10 -7.75
CA ALA A 172 7.07 -25.38 -7.86
C ALA A 172 7.94 -25.88 -9.02
N ARG A 173 7.90 -27.20 -9.30
CA ARG A 173 8.66 -27.70 -10.44
C ARG A 173 8.10 -27.15 -11.75
N LYS A 174 6.78 -27.07 -11.87
CA LYS A 174 6.19 -26.49 -13.06
C LYS A 174 6.53 -25.01 -13.16
N PHE A 175 6.59 -24.31 -12.01
CA PHE A 175 7.04 -22.91 -12.00
C PHE A 175 8.44 -22.78 -12.59
N LEU A 176 9.36 -23.66 -12.19
CA LEU A 176 10.70 -23.62 -12.74
C LEU A 176 10.72 -23.87 -14.24
N ASP A 177 9.98 -24.90 -14.69
CA ASP A 177 9.88 -25.16 -16.13
C ASP A 177 9.38 -23.94 -16.87
N ASP A 178 8.39 -23.23 -16.30
CA ASP A 178 7.79 -22.10 -16.98
C ASP A 178 8.66 -20.85 -16.93
N SER A 179 9.58 -20.75 -15.97
CA SER A 179 10.35 -19.51 -15.77
C SER A 179 11.79 -19.62 -16.24
N VAL A 180 12.44 -20.76 -16.02
CA VAL A 180 13.84 -20.95 -16.39
C VAL A 180 13.92 -22.28 -17.14
N PRO A 181 13.33 -22.38 -18.32
CA PRO A 181 13.15 -23.70 -18.95
C PRO A 181 14.47 -24.39 -19.27
N LEU A 182 14.47 -25.72 -19.16
CA LEU A 182 15.62 -26.51 -19.53
C LEU A 182 15.71 -26.60 -21.06
N SER A 183 16.93 -26.83 -21.56
CA SER A 183 17.10 -27.03 -23.00
C SER A 183 16.30 -28.24 -23.47
N SER A 184 16.22 -29.28 -22.64
CA SER A 184 15.33 -30.41 -22.89
C SER A 184 14.97 -31.04 -21.55
N GLY A 185 13.76 -31.60 -21.48
CA GLY A 185 13.29 -32.21 -20.24
C GLY A 185 12.67 -31.20 -19.31
N SER A 186 12.29 -31.70 -18.12
CA SER A 186 11.60 -30.90 -17.13
C SER A 186 12.31 -30.97 -15.79
N PHE A 187 12.23 -29.87 -15.04
CA PHE A 187 12.72 -29.88 -13.66
C PHE A 187 12.04 -30.97 -12.82
N GLY A 188 10.82 -31.36 -13.19
CA GLY A 188 10.15 -32.41 -12.42
C GLY A 188 10.93 -33.71 -12.40
N ASP A 189 11.75 -33.94 -13.43
CA ASP A 189 12.53 -35.16 -13.56
C ASP A 189 14.00 -34.94 -13.24
N ALA A 190 14.36 -33.79 -12.70
CA ALA A 190 15.74 -33.54 -12.31
C ALA A 190 16.14 -34.47 -11.17
N THR A 191 17.38 -34.96 -11.22
CA THR A 191 17.96 -35.73 -10.13
C THR A 191 19.14 -35.04 -9.46
N GLY A 192 19.63 -33.93 -10.00
CA GLY A 192 20.76 -33.24 -9.38
C GLY A 192 21.13 -32.00 -10.17
N PHE A 193 21.91 -31.15 -9.50
CA PHE A 193 22.42 -29.94 -10.11
C PHE A 193 23.92 -29.84 -9.86
N THR A 194 24.66 -29.43 -10.89
CA THR A 194 26.08 -29.14 -10.76
C THR A 194 26.41 -27.92 -11.60
N VAL A 195 27.57 -27.33 -11.31
CA VAL A 195 28.13 -26.24 -12.09
C VAL A 195 29.40 -26.76 -12.75
N GLN A 196 29.44 -26.71 -14.09
CA GLN A 196 30.56 -27.24 -14.85
C GLN A 196 30.96 -26.20 -15.89
N ASP A 197 32.21 -25.74 -15.80
CA ASP A 197 32.73 -24.70 -16.68
C ASP A 197 31.82 -23.46 -16.67
N GLY A 198 31.43 -23.06 -15.46
CA GLY A 198 30.69 -21.83 -15.25
C GLY A 198 29.25 -21.83 -15.67
N GLN A 199 28.67 -22.98 -16.01
CA GLN A 199 27.28 -23.02 -16.45
C GLN A 199 26.57 -24.18 -15.79
N LEU A 200 25.25 -24.03 -15.63
CA LEU A 200 24.46 -24.96 -14.85
C LEU A 200 24.16 -26.22 -15.65
N VAL A 201 24.35 -27.37 -15.03
CA VAL A 201 24.07 -28.67 -15.63
C VAL A 201 23.01 -29.38 -14.79
N VAL A 202 21.89 -29.73 -15.40
CA VAL A 202 20.81 -30.40 -14.69
C VAL A 202 20.83 -31.87 -15.09
N ALA A 203 20.86 -32.75 -14.09
CA ALA A 203 20.86 -34.20 -14.34
C ALA A 203 19.42 -34.69 -14.45
N LEU A 204 19.11 -35.32 -15.58
CA LEU A 204 17.89 -36.06 -15.84
C LEU A 204 18.19 -37.56 -15.80
N PRO A 205 17.18 -38.42 -15.61
CA PRO A 205 17.49 -39.85 -15.46
C PRO A 205 18.22 -40.43 -16.67
N ASP A 206 17.89 -39.94 -17.87
CA ASP A 206 18.43 -40.45 -19.12
C ASP A 206 19.69 -39.70 -19.56
N LYS A 207 19.71 -38.38 -19.41
CA LYS A 207 20.77 -37.53 -19.93
C LYS A 207 21.00 -36.39 -18.95
N SER A 208 21.84 -35.44 -19.34
CA SER A 208 21.99 -34.17 -18.65
C SER A 208 21.62 -33.03 -19.61
N THR A 209 21.37 -31.86 -19.04
CA THR A 209 20.89 -30.74 -19.84
C THR A 209 21.28 -29.44 -19.14
N GLY A 210 21.35 -28.37 -19.92
CA GLY A 210 21.51 -27.03 -19.40
C GLY A 210 20.26 -26.19 -19.64
N LEU A 211 20.37 -24.91 -19.32
CA LEU A 211 19.25 -24.00 -19.48
C LEU A 211 19.06 -23.63 -20.94
N ALA A 212 17.80 -23.46 -21.33
CA ALA A 212 17.52 -22.95 -22.67
C ALA A 212 18.12 -21.56 -22.86
N ASN A 213 18.16 -20.76 -21.79
CA ASN A 213 18.90 -19.50 -21.77
C ASN A 213 19.89 -19.58 -20.62
N PRO A 214 21.14 -19.97 -20.89
CA PRO A 214 22.11 -20.12 -19.80
C PRO A 214 22.37 -18.85 -19.03
N GLY A 215 22.04 -17.68 -19.59
CA GLY A 215 22.18 -16.44 -18.86
C GLY A 215 21.25 -16.32 -17.67
N GLN A 216 20.21 -17.14 -17.59
CA GLN A 216 19.38 -17.15 -16.39
C GLN A 216 20.08 -17.77 -15.19
N PHE A 217 21.25 -18.37 -15.38
CA PHE A 217 22.01 -18.93 -14.26
C PHE A 217 22.81 -17.82 -13.61
N ALA A 218 22.47 -17.46 -12.38
CA ALA A 218 23.03 -16.27 -11.74
C ALA A 218 24.08 -16.58 -10.68
N GLY A 219 24.08 -17.78 -10.11
CA GLY A 219 25.08 -18.13 -9.13
C GLY A 219 24.67 -19.36 -8.34
N TYR A 220 25.43 -19.61 -7.28
CA TYR A 220 25.22 -20.82 -6.48
C TYR A 220 25.89 -20.64 -5.13
N THR A 221 25.61 -21.58 -4.23
CA THR A 221 26.33 -21.68 -2.97
C THR A 221 26.89 -23.08 -2.80
N GLY A 222 27.90 -23.23 -1.92
CA GLY A 222 28.60 -24.50 -1.77
C GLY A 222 29.51 -24.80 -2.95
N ALA A 223 29.93 -26.06 -3.04
CA ALA A 223 30.84 -26.47 -4.11
C ALA A 223 30.11 -26.55 -5.45
N ALA A 224 30.81 -26.17 -6.53
CA ALA A 224 30.20 -26.15 -7.85
C ALA A 224 29.81 -27.54 -8.33
N GLU A 225 30.45 -28.59 -7.79
CA GLU A 225 30.17 -29.96 -8.18
C GLU A 225 29.02 -30.58 -7.40
N SER A 226 28.63 -29.99 -6.26
CA SER A 226 27.46 -30.44 -5.51
CA SER A 226 27.46 -30.44 -5.51
C SER A 226 26.91 -29.25 -4.73
N PRO A 227 26.38 -28.23 -5.42
CA PRO A 227 25.97 -27.00 -4.73
C PRO A 227 24.92 -27.23 -3.67
N THR A 228 24.98 -26.40 -2.62
CA THR A 228 23.92 -26.34 -1.63
C THR A 228 22.73 -25.48 -2.08
N SER A 229 22.91 -24.66 -3.12
CA SER A 229 21.79 -23.99 -3.74
C SER A 229 22.20 -23.48 -5.11
N VAL A 230 21.20 -23.22 -5.93
CA VAL A 230 21.39 -22.73 -7.28
C VAL A 230 20.54 -21.49 -7.43
N LEU A 231 21.14 -20.43 -7.95
CA LEU A 231 20.51 -19.12 -8.04
C LEU A 231 20.21 -18.81 -9.49
N LEU A 232 18.94 -18.58 -9.80
CA LEU A 232 18.50 -18.28 -11.14
C LEU A 232 17.92 -16.88 -11.15
N ILE A 233 17.86 -16.29 -12.34
CA ILE A 233 17.25 -14.98 -12.49
C ILE A 233 16.36 -15.01 -13.71
N ASN A 234 15.18 -14.40 -13.57
CA ASN A 234 14.22 -14.30 -14.65
C ASN A 234 13.47 -12.99 -14.48
N HIS A 235 13.40 -12.21 -15.56
CA HIS A 235 12.75 -10.89 -15.56
C HIS A 235 13.27 -10.03 -14.43
N GLY A 236 14.57 -10.18 -14.13
CA GLY A 236 15.24 -9.42 -13.11
C GLY A 236 14.99 -9.86 -11.69
N LEU A 237 14.23 -10.93 -11.48
CA LEU A 237 13.90 -11.44 -10.15
C LEU A 237 14.62 -12.75 -9.92
N HIS A 238 15.12 -12.95 -8.71
CA HIS A 238 15.93 -14.11 -8.39
C HIS A 238 15.09 -15.25 -7.85
N ILE A 239 15.50 -16.47 -8.20
CA ILE A 239 14.91 -17.72 -7.74
C ILE A 239 16.04 -18.55 -7.16
N GLU A 240 15.85 -19.08 -5.95
CA GLU A 240 16.88 -19.91 -5.33
C GLU A 240 16.33 -21.30 -5.04
N ILE A 241 16.95 -22.30 -5.64
CA ILE A 241 16.64 -23.70 -5.39
C ILE A 241 17.56 -24.15 -4.28
N LEU A 242 17.00 -24.44 -3.11
CA LEU A 242 17.75 -24.94 -1.97
C LEU A 242 17.89 -26.45 -2.11
N ILE A 243 19.13 -26.93 -2.14
CA ILE A 243 19.42 -28.36 -2.34
C ILE A 243 19.93 -28.91 -1.01
N ASP A 244 19.15 -29.79 -0.38
CA ASP A 244 19.57 -30.38 0.90
C ASP A 244 18.90 -31.74 1.09
N PRO A 245 19.55 -32.81 0.62
CA PRO A 245 18.94 -34.16 0.75
C PRO A 245 18.80 -34.65 2.19
N GLU A 246 19.48 -34.03 3.16
CA GLU A 246 19.34 -34.44 4.55
C GLU A 246 18.11 -33.84 5.23
N SER A 247 17.43 -32.90 4.58
CA SER A 247 16.23 -32.32 5.15
C SER A 247 15.04 -33.28 4.96
N GLN A 248 14.01 -33.06 5.78
CA GLN A 248 12.85 -33.93 5.71
C GLN A 248 12.17 -33.85 4.34
N VAL A 249 12.00 -32.63 3.83
CA VAL A 249 11.44 -32.48 2.48
C VAL A 249 12.43 -32.99 1.43
N GLY A 250 13.70 -32.61 1.56
CA GLY A 250 14.67 -32.96 0.55
C GLY A 250 14.94 -34.43 0.47
N THR A 251 14.79 -35.15 1.59
CA THR A 251 14.99 -36.59 1.58
C THR A 251 13.99 -37.28 0.65
N THR A 252 12.77 -36.74 0.53
CA THR A 252 11.72 -37.30 -0.31
C THR A 252 11.76 -36.77 -1.74
N ASP A 253 12.60 -35.77 -2.02
CA ASP A 253 12.59 -35.12 -3.33
C ASP A 253 13.54 -35.84 -4.28
N ARG A 254 13.13 -35.92 -5.55
CA ARG A 254 13.92 -36.68 -6.51
C ARG A 254 15.28 -36.06 -6.79
N ALA A 255 15.48 -34.78 -6.47
CA ALA A 255 16.79 -34.15 -6.62
C ALA A 255 17.30 -33.59 -5.30
N GLY A 256 16.67 -33.98 -4.18
CA GLY A 256 17.04 -33.48 -2.88
C GLY A 256 16.71 -32.01 -2.64
N VAL A 257 15.79 -31.44 -3.41
CA VAL A 257 15.42 -30.04 -3.21
C VAL A 257 14.65 -29.90 -1.92
N LYS A 258 15.03 -28.91 -1.10
CA LYS A 258 14.35 -28.63 0.16
C LYS A 258 13.31 -27.52 0.03
N ASP A 259 13.53 -26.56 -0.87
CA ASP A 259 12.66 -25.40 -0.97
C ASP A 259 13.05 -24.61 -2.20
N VAL A 260 12.13 -23.77 -2.63
CA VAL A 260 12.36 -22.81 -3.69
C VAL A 260 12.09 -21.44 -3.09
N ILE A 261 13.10 -20.58 -3.09
CA ILE A 261 13.03 -19.27 -2.46
C ILE A 261 12.85 -18.24 -3.56
N LEU A 262 11.84 -17.39 -3.42
CA LEU A 262 11.55 -16.36 -4.41
C LEU A 262 11.94 -15.01 -3.85
N GLU A 263 12.65 -14.21 -4.65
CA GLU A 263 12.69 -12.77 -4.40
C GLU A 263 11.28 -12.24 -4.54
N SER A 264 10.75 -11.63 -3.46
CA SER A 264 9.32 -11.40 -3.30
C SER A 264 8.99 -9.94 -3.12
N ALA A 265 9.06 -9.43 -1.90
CA ALA A 265 8.76 -8.02 -1.66
C ALA A 265 10.01 -7.19 -1.99
N ILE A 266 10.09 -6.72 -3.23
CA ILE A 266 11.25 -5.94 -3.66
C ILE A 266 11.33 -4.63 -2.87
N THR A 267 10.18 -3.96 -2.70
CA THR A 267 10.08 -2.75 -1.91
C THR A 267 8.93 -2.92 -0.92
N THR A 268 9.01 -2.17 0.17
CA THR A 268 8.00 -2.19 1.21
C THR A 268 7.70 -0.76 1.62
N ILE A 269 6.43 -0.49 1.86
CA ILE A 269 5.96 0.82 2.32
C ILE A 269 5.59 0.69 3.79
N MET A 270 6.39 1.34 4.66
CA MET A 270 6.09 1.40 6.08
C MET A 270 5.08 2.52 6.30
N ASP A 271 3.88 2.17 6.73
CA ASP A 271 2.72 3.04 6.60
C ASP A 271 2.44 3.82 7.89
N PHE A 272 2.47 5.15 7.80
CA PHE A 272 1.95 6.01 8.86
C PHE A 272 0.50 6.46 8.61
N GLU A 273 -0.07 6.12 7.45
CA GLU A 273 -1.36 6.67 7.07
C GLU A 273 -2.48 5.64 7.28
N ASP A 274 -3.07 5.12 6.20
CA ASP A 274 -4.43 4.59 6.36
C ASP A 274 -4.51 3.26 7.09
N SER A 275 -3.38 2.58 7.32
CA SER A 275 -3.41 1.30 8.04
C SER A 275 -2.98 1.44 9.50
N VAL A 276 -2.78 2.65 10.02
CA VAL A 276 -2.48 2.82 11.45
C VAL A 276 -3.46 3.81 12.09
N ALA A 277 -3.60 3.69 13.41
CA ALA A 277 -4.40 4.61 14.21
C ALA A 277 -3.44 5.34 15.13
N ALA A 278 -3.23 6.63 14.86
CA ALA A 278 -2.27 7.42 15.65
C ALA A 278 -2.83 8.82 15.79
N VAL A 279 -3.29 9.17 16.99
CA VAL A 279 -4.11 10.35 17.16
C VAL A 279 -3.47 11.39 18.07
N ASP A 280 -2.26 11.14 18.56
CA ASP A 280 -1.61 12.07 19.48
C ASP A 280 -0.11 11.81 19.47
N ALA A 281 0.61 12.54 20.31
CA ALA A 281 2.06 12.45 20.30
C ALA A 281 2.54 11.05 20.69
N ALA A 282 1.90 10.45 21.70
CA ALA A 282 2.30 9.11 22.12
C ALA A 282 2.22 8.13 20.95
N ASP A 283 1.12 8.15 20.20
CA ASP A 283 0.97 7.24 19.06
C ASP A 283 2.01 7.50 18.00
N LYS A 284 2.23 8.79 17.66
CA LYS A 284 3.19 9.15 16.63
C LYS A 284 4.59 8.70 17.01
N VAL A 285 4.93 8.83 18.30
CA VAL A 285 6.29 8.45 18.73
C VAL A 285 6.50 6.95 18.61
N LEU A 286 5.48 6.14 18.94
CA LEU A 286 5.58 4.70 18.74
C LEU A 286 5.91 4.38 17.29
N GLY A 287 5.25 5.06 16.36
CA GLY A 287 5.52 4.82 14.95
C GLY A 287 6.88 5.33 14.53
N TYR A 288 7.22 6.56 14.93
CA TYR A 288 8.53 7.10 14.60
C TYR A 288 9.65 6.22 15.14
N ARG A 289 9.46 5.66 16.34
CA ARG A 289 10.51 4.84 16.93
C ARG A 289 10.70 3.53 16.15
N ASN A 290 9.62 2.94 15.63
CA ASN A 290 9.77 1.76 14.77
C ASN A 290 10.46 2.12 13.47
N TRP A 291 10.07 3.23 12.85
CA TRP A 291 10.75 3.71 11.65
C TRP A 291 12.24 3.96 11.94
N LEU A 292 12.57 4.47 13.13
CA LEU A 292 13.96 4.67 13.52
C LEU A 292 14.71 3.34 13.63
N GLY A 293 14.10 2.35 14.31
CA GLY A 293 14.73 1.05 14.44
C GLY A 293 14.97 0.37 13.11
N LEU A 294 14.06 0.57 12.16
CA LEU A 294 14.24 -0.01 10.84
C LEU A 294 15.42 0.64 10.11
N ASN A 295 15.55 1.96 10.24
CA ASN A 295 16.61 2.65 9.50
C ASN A 295 17.96 2.50 10.17
N LYS A 296 17.99 2.34 11.49
CA LYS A 296 19.26 2.07 12.16
C LYS A 296 19.63 0.60 12.09
N GLY A 297 18.69 -0.26 11.77
CA GLY A 297 18.97 -1.67 11.60
C GLY A 297 18.81 -2.51 12.85
N ASP A 298 18.39 -1.92 13.97
CA ASP A 298 18.41 -2.60 15.25
C ASP A 298 17.01 -2.87 15.81
N LEU A 299 15.96 -2.67 15.01
CA LEU A 299 14.63 -3.07 15.46
C LEU A 299 14.61 -4.57 15.70
N ALA A 300 14.08 -4.98 16.85
CA ALA A 300 14.07 -6.37 17.25
C ALA A 300 12.87 -6.66 18.14
N ALA A 301 12.31 -7.86 18.00
CA ALA A 301 11.21 -8.28 18.85
C ALA A 301 11.59 -9.47 19.75
N ARG A 312 14.41 -12.13 16.84
CA ARG A 312 13.70 -11.62 15.65
C ARG A 312 14.25 -10.28 15.16
N VAL A 313 15.11 -10.30 14.13
CA VAL A 313 15.89 -9.13 13.69
C VAL A 313 15.88 -9.03 12.16
N LEU A 314 16.45 -7.92 11.66
CA LEU A 314 16.54 -7.66 10.23
C LEU A 314 17.64 -8.50 9.59
N ASN A 315 17.38 -8.96 8.36
CA ASN A 315 18.31 -9.85 7.67
C ASN A 315 19.49 -9.09 7.07
N ARG A 316 20.61 -9.78 6.93
CA ARG A 316 21.77 -9.23 6.24
C ARG A 316 21.72 -9.61 4.78
N ASP A 317 22.64 -9.06 4.00
CA ASP A 317 22.70 -9.40 2.60
C ASP A 317 23.06 -10.88 2.43
N ARG A 318 22.86 -11.39 1.21
CA ARG A 318 23.06 -12.81 0.91
C ARG A 318 24.30 -12.98 0.04
N ASN A 319 25.13 -13.96 0.40
CA ASN A 319 26.39 -14.21 -0.30
C ASN A 319 26.25 -15.33 -1.31
N TYR A 320 26.75 -15.11 -2.53
CA TYR A 320 26.71 -16.12 -3.57
C TYR A 320 28.07 -16.23 -4.26
N THR A 321 28.26 -17.36 -4.94
CA THR A 321 29.36 -17.54 -5.88
C THR A 321 28.85 -17.31 -7.29
N ALA A 322 29.57 -16.49 -8.05
CA ALA A 322 29.19 -16.22 -9.42
C ALA A 322 29.35 -17.49 -10.26
N PRO A 323 28.63 -17.59 -11.37
CA PRO A 323 28.81 -18.78 -12.24
C PRO A 323 30.27 -19.06 -12.56
N GLY A 324 31.07 -18.02 -12.76
CA GLY A 324 32.50 -18.14 -13.03
C GLY A 324 33.39 -18.45 -11.84
N GLY A 325 32.90 -18.31 -10.61
CA GLY A 325 33.65 -18.71 -9.43
C GLY A 325 33.98 -17.61 -8.45
N GLY A 326 33.82 -16.33 -8.82
CA GLY A 326 34.05 -15.24 -7.88
C GLY A 326 32.89 -15.09 -6.90
N GLN A 327 33.02 -14.09 -6.03
CA GLN A 327 32.04 -13.82 -4.98
C GLN A 327 31.20 -12.60 -5.31
N PHE A 328 29.93 -12.64 -4.90
CA PHE A 328 29.09 -11.44 -4.93
C PHE A 328 28.01 -11.56 -3.87
N THR A 329 27.26 -10.48 -3.67
CA THR A 329 26.21 -10.41 -2.67
CA THR A 329 26.20 -10.42 -2.67
C THR A 329 24.94 -9.83 -3.27
N LEU A 330 23.82 -10.12 -2.60
CA LEU A 330 22.50 -9.63 -3.00
C LEU A 330 21.78 -9.03 -1.80
N PRO A 331 21.00 -7.96 -2.01
CA PRO A 331 20.28 -7.35 -0.88
C PRO A 331 19.36 -8.35 -0.20
N GLY A 332 19.46 -8.40 1.13
CA GLY A 332 18.64 -9.27 1.95
C GLY A 332 17.34 -8.67 2.42
N ARG A 333 17.17 -7.36 2.29
CA ARG A 333 16.00 -6.69 2.82
C ARG A 333 15.24 -5.99 1.69
N SER A 334 13.96 -5.74 1.96
CA SER A 334 13.14 -4.94 1.07
CA SER A 334 13.18 -4.95 1.02
C SER A 334 13.55 -3.48 1.16
N LEU A 335 13.67 -2.82 0.01
CA LEU A 335 13.96 -1.38 0.01
C LEU A 335 12.75 -0.64 0.56
N MET A 336 12.97 0.21 1.57
CA MET A 336 11.86 0.75 2.34
C MET A 336 11.46 2.15 1.89
N PHE A 337 10.17 2.32 1.58
CA PHE A 337 9.47 3.60 1.54
C PHE A 337 8.83 3.85 2.91
N VAL A 338 8.49 5.12 3.18
CA VAL A 338 7.59 5.46 4.28
C VAL A 338 6.39 6.22 3.70
N ARG A 339 5.17 5.84 4.11
CA ARG A 339 3.98 6.57 3.68
C ARG A 339 3.62 7.56 4.77
N ASN A 340 3.86 8.85 4.51
CA ASN A 340 3.45 9.95 5.36
C ASN A 340 1.94 10.15 5.29
N VAL A 341 1.36 10.87 6.26
CA VAL A 341 -0.03 11.27 6.04
C VAL A 341 -0.09 12.40 5.01
N GLY A 342 -1.29 12.63 4.47
CA GLY A 342 -1.54 13.64 3.47
C GLY A 342 -1.77 15.00 4.09
N HIS A 343 -2.33 15.92 3.30
CA HIS A 343 -2.39 17.33 3.68
C HIS A 343 -3.51 17.66 4.68
N LEU A 344 -4.45 16.75 4.95
CA LEU A 344 -5.69 17.16 5.64
C LEU A 344 -5.49 17.43 7.13
N MET A 345 -4.98 16.45 7.87
CA MET A 345 -5.17 16.43 9.31
C MET A 345 -4.14 17.25 10.05
N THR A 346 -4.55 17.77 11.20
CA THR A 346 -3.63 18.27 12.20
C THR A 346 -3.52 17.25 13.32
N ASN A 347 -2.50 17.45 14.18
CA ASN A 347 -2.26 16.57 15.31
C ASN A 347 -1.77 17.43 16.47
N ASP A 348 -2.24 17.14 17.67
CA ASP A 348 -1.87 18.01 18.80
C ASP A 348 -0.50 17.64 19.39
N ALA A 349 0.23 16.73 18.76
CA ALA A 349 1.63 16.49 19.13
C ALA A 349 2.41 17.79 19.18
N ILE A 350 2.09 18.75 18.31
CA ILE A 350 2.57 20.12 18.42
C ILE A 350 1.38 21.04 18.27
N VAL A 351 1.27 22.04 19.15
CA VAL A 351 0.29 23.10 18.98
C VAL A 351 1.06 24.41 18.98
N ASP A 352 0.44 25.46 18.45
CA ASP A 352 1.09 26.75 18.52
C ASP A 352 0.63 27.50 19.76
N THR A 353 1.13 28.72 19.95
CA THR A 353 0.84 29.45 21.18
C THR A 353 -0.66 29.68 21.35
N ASP A 354 -1.39 29.85 20.25
CA ASP A 354 -2.84 30.03 20.30
C ASP A 354 -3.59 28.71 20.46
N GLY A 355 -2.90 27.58 20.60
CA GLY A 355 -3.54 26.31 20.83
C GLY A 355 -3.92 25.53 19.57
N SER A 356 -3.65 26.08 18.39
CA SER A 356 -3.98 25.39 17.14
C SER A 356 -3.03 24.22 16.92
N GLU A 357 -3.58 23.10 16.45
CA GLU A 357 -2.75 21.94 16.16
C GLU A 357 -1.99 22.14 14.86
N VAL A 358 -0.83 21.53 14.79
CA VAL A 358 0.06 21.67 13.64
C VAL A 358 -0.31 20.62 12.59
N PHE A 359 -0.19 20.97 11.31
CA PHE A 359 -0.48 20.02 10.23
C PHE A 359 0.40 18.78 10.35
N GLU A 360 -0.23 17.61 10.29
CA GLU A 360 0.46 16.35 10.55
C GLU A 360 1.37 15.94 9.39
N GLY A 361 0.96 16.24 8.17
CA GLY A 361 1.80 15.98 7.00
C GLY A 361 3.11 16.75 7.07
N ILE A 362 3.06 18.00 7.54
CA ILE A 362 4.31 18.77 7.70
C ILE A 362 5.21 18.10 8.73
N MET A 363 4.62 17.72 9.87
CA MET A 363 5.38 17.01 10.89
C MET A 363 5.97 15.70 10.37
N ASP A 364 5.18 14.90 9.66
CA ASP A 364 5.70 13.65 9.13
C ASP A 364 6.91 13.88 8.23
N ALA A 365 6.86 14.90 7.37
CA ALA A 365 7.99 15.15 6.48
C ALA A 365 9.25 15.45 7.28
N LEU A 366 9.14 16.30 8.30
CA LEU A 366 10.29 16.62 9.13
C LEU A 366 10.80 15.39 9.88
N PHE A 367 9.91 14.67 10.54
CA PHE A 367 10.36 13.62 11.45
C PHE A 367 10.69 12.32 10.73
N THR A 368 9.85 11.89 9.77
CA THR A 368 10.25 10.69 9.03
C THR A 368 11.45 10.98 8.14
N GLY A 369 11.56 12.22 7.63
CA GLY A 369 12.74 12.59 6.88
C GLY A 369 14.00 12.55 7.74
N LEU A 370 13.93 13.14 8.93
CA LEU A 370 15.06 13.13 9.85
C LEU A 370 15.51 11.70 10.13
N ILE A 371 14.55 10.85 10.49
CA ILE A 371 14.84 9.47 10.86
C ILE A 371 15.42 8.71 9.69
N ALA A 372 14.98 9.01 8.48
CA ALA A 372 15.47 8.29 7.30
C ALA A 372 16.95 8.53 7.04
N ILE A 373 17.54 9.60 7.61
CA ILE A 373 18.98 9.82 7.45
C ILE A 373 19.76 8.61 7.96
N HIS A 374 19.26 7.97 9.02
CA HIS A 374 19.97 6.81 9.58
C HIS A 374 20.06 5.66 8.59
N GLY A 375 19.09 5.54 7.67
CA GLY A 375 19.16 4.48 6.69
C GLY A 375 20.09 4.73 5.55
N LEU A 376 20.70 5.92 5.50
CA LEU A 376 21.70 6.24 4.49
C LEU A 376 23.12 6.03 4.99
N LYS A 377 23.28 5.51 6.20
CA LYS A 377 24.59 5.38 6.81
C LYS A 377 24.71 4.05 7.52
N ALA A 378 25.96 3.65 7.79
CA ALA A 378 26.28 2.33 8.32
C ALA A 378 25.48 1.98 9.56
N SER A 379 24.90 0.78 9.54
CA SER A 379 24.06 0.22 10.62
C SER A 379 24.54 0.50 12.03
N GLY A 383 25.85 -3.79 10.24
CA GLY A 383 27.07 -3.28 9.65
C GLY A 383 26.83 -2.26 8.54
N PRO A 384 26.65 -2.73 7.31
CA PRO A 384 26.45 -1.80 6.18
C PRO A 384 25.11 -1.07 6.29
N LEU A 385 25.06 0.11 5.65
CA LEU A 385 23.86 0.95 5.65
C LEU A 385 22.64 0.14 5.24
N ILE A 386 21.50 0.43 5.87
CA ILE A 386 20.33 -0.42 5.71
C ILE A 386 19.63 -0.21 4.36
N ASN A 387 19.42 1.06 3.94
CA ASN A 387 18.45 1.29 2.86
C ASN A 387 19.11 1.76 1.56
N SER A 388 18.88 3.01 1.15
CA SER A 388 19.27 3.45 -0.19
C SER A 388 20.79 3.57 -0.32
N ARG A 389 21.38 2.74 -1.18
CA ARG A 389 22.81 2.90 -1.44
C ARG A 389 23.11 4.09 -2.34
N THR A 390 22.10 4.59 -3.07
CA THR A 390 22.26 5.71 -3.99
C THR A 390 21.99 7.06 -3.34
N GLY A 391 21.56 7.07 -2.09
CA GLY A 391 21.42 8.30 -1.34
C GLY A 391 20.04 8.93 -1.30
N SER A 392 18.97 8.19 -1.57
CA SER A 392 17.62 8.74 -1.61
C SER A 392 16.82 8.34 -0.37
N ILE A 393 15.82 9.16 -0.07
CA ILE A 393 14.79 8.89 0.93
C ILE A 393 13.47 8.82 0.19
N TYR A 394 12.69 7.77 0.44
CA TYR A 394 11.52 7.46 -0.37
C TYR A 394 10.24 7.65 0.45
N ILE A 395 9.47 8.68 0.13
CA ILE A 395 8.25 9.00 0.86
C ILE A 395 7.05 8.87 -0.06
N VAL A 396 6.07 8.08 0.36
CA VAL A 396 4.79 8.01 -0.35
C VAL A 396 3.90 9.11 0.20
N LYS A 397 3.35 9.94 -0.69
CA LYS A 397 2.49 11.05 -0.28
C LYS A 397 1.07 10.75 -0.75
N PRO A 398 0.15 10.45 0.15
CA PRO A 398 -1.19 10.03 -0.26
C PRO A 398 -2.15 11.21 -0.33
N LYS A 399 -3.29 10.95 -0.97
CA LYS A 399 -4.50 11.76 -0.90
C LYS A 399 -4.29 13.19 -1.39
N MET A 400 -3.39 13.39 -2.36
CA MET A 400 -3.24 14.71 -2.95
C MET A 400 -4.29 14.95 -4.01
N HIS A 401 -4.74 16.20 -4.13
CA HIS A 401 -5.78 16.62 -5.07
C HIS A 401 -5.19 17.66 -6.02
N GLY A 402 -4.68 17.21 -7.16
CA GLY A 402 -4.25 18.10 -8.21
C GLY A 402 -2.82 18.57 -8.10
N PRO A 403 -2.34 19.23 -9.15
CA PRO A 403 -0.90 19.54 -9.25
C PRO A 403 -0.43 20.60 -8.25
N ALA A 404 -1.28 21.53 -7.85
CA ALA A 404 -0.82 22.52 -6.86
C ALA A 404 -0.54 21.86 -5.52
N GLU A 405 -1.32 20.83 -5.17
CA GLU A 405 -1.01 20.07 -3.97
C GLU A 405 0.27 19.25 -4.11
N VAL A 406 0.59 18.76 -5.31
CA VAL A 406 1.87 18.09 -5.51
C VAL A 406 3.02 19.09 -5.40
N ALA A 407 2.86 20.27 -6.00
CA ALA A 407 3.88 21.31 -5.90
C ALA A 407 4.14 21.67 -4.44
N PHE A 408 3.08 21.73 -3.63
CA PHE A 408 3.25 22.03 -2.22
C PHE A 408 4.08 20.95 -1.53
N THR A 409 3.77 19.67 -1.79
CA THR A 409 4.58 18.61 -1.20
C THR A 409 6.04 18.76 -1.59
N CYS A 410 6.32 19.10 -2.85
CA CYS A 410 7.71 19.28 -3.27
C CYS A 410 8.37 20.44 -2.53
N GLU A 411 7.64 21.53 -2.33
CA GLU A 411 8.20 22.66 -1.59
C GLU A 411 8.45 22.29 -0.14
N LEU A 412 7.52 21.55 0.46
CA LEU A 412 7.71 21.05 1.82
C LEU A 412 8.96 20.19 1.94
N PHE A 413 9.16 19.27 0.99
CA PHE A 413 10.34 18.41 1.01
C PHE A 413 11.62 19.24 0.86
N SER A 414 11.59 20.24 -0.03
CA SER A 414 12.75 21.13 -0.20
C SER A 414 13.09 21.84 1.10
N ARG A 415 12.09 22.39 1.78
CA ARG A 415 12.35 23.08 3.03
C ARG A 415 12.84 22.11 4.09
N VAL A 416 12.32 20.88 4.10
CA VAL A 416 12.80 19.92 5.08
C VAL A 416 14.24 19.53 4.78
N GLU A 417 14.58 19.36 3.50
CA GLU A 417 15.96 19.05 3.15
C GLU A 417 16.92 20.10 3.67
N ASP A 418 16.53 21.38 3.57
CA ASP A 418 17.35 22.47 4.09
C ASP A 418 17.55 22.35 5.59
N VAL A 419 16.47 22.10 6.34
CA VAL A 419 16.56 21.96 7.79
C VAL A 419 17.47 20.79 8.17
N LEU A 420 17.35 19.68 7.45
CA LEU A 420 18.12 18.47 7.72
C LEU A 420 19.54 18.53 7.15
N GLY A 421 19.88 19.56 6.39
CA GLY A 421 21.19 19.64 5.76
C GLY A 421 21.41 18.61 4.66
N LEU A 422 20.35 18.13 4.03
CA LEU A 422 20.48 17.11 3.00
C LEU A 422 20.56 17.76 1.63
N PRO A 423 21.15 17.07 0.65
CA PRO A 423 21.13 17.58 -0.72
C PRO A 423 19.71 17.81 -1.17
N GLN A 424 19.51 18.85 -1.98
CA GLN A 424 18.20 19.05 -2.56
C GLN A 424 17.81 17.83 -3.40
N ASN A 425 16.52 17.47 -3.32
CA ASN A 425 15.91 16.34 -4.03
C ASN A 425 16.32 14.99 -3.45
N THR A 426 16.90 14.95 -2.24
CA THR A 426 17.12 13.68 -1.57
C THR A 426 15.80 12.95 -1.33
N MET A 427 14.79 13.68 -0.84
CA MET A 427 13.49 13.11 -0.48
C MET A 427 12.65 12.95 -1.75
N LYS A 428 12.50 11.69 -2.19
CA LYS A 428 11.74 11.36 -3.38
C LYS A 428 10.27 11.12 -3.00
N ILE A 429 9.40 11.18 -4.00
CA ILE A 429 7.96 11.10 -3.75
C ILE A 429 7.33 9.98 -4.60
N GLY A 430 6.65 9.08 -3.92
CA GLY A 430 5.70 8.19 -4.58
C GLY A 430 4.32 8.80 -4.54
N ILE A 431 3.80 9.15 -5.72
CA ILE A 431 2.51 9.83 -5.83
C ILE A 431 1.41 8.79 -5.84
N MET A 432 0.51 8.85 -4.84
CA MET A 432 -0.74 8.11 -4.97
C MET A 432 -1.65 8.84 -5.94
N ASP A 433 -2.18 8.11 -6.91
CA ASP A 433 -3.25 8.61 -7.78
C ASP A 433 -4.51 8.01 -7.19
N GLU A 434 -5.08 8.73 -6.20
CA GLU A 434 -6.20 8.15 -5.48
C GLU A 434 -7.28 9.18 -5.17
N GLU A 435 -7.30 10.29 -5.93
CA GLU A 435 -8.30 11.34 -5.83
C GLU A 435 -8.61 11.85 -7.24
N ARG A 436 -9.89 12.13 -7.49
CA ARG A 436 -10.34 12.43 -8.86
C ARG A 436 -9.62 13.63 -9.45
N ARG A 437 -9.39 14.69 -8.65
CA ARG A 437 -8.74 15.87 -9.21
C ARG A 437 -7.27 15.61 -9.54
N THR A 438 -6.66 14.57 -8.97
CA THR A 438 -5.35 14.11 -9.44
C THR A 438 -5.48 13.28 -10.72
N THR A 439 -6.38 12.29 -10.72
CA THR A 439 -6.63 11.49 -11.92
C THR A 439 -6.76 12.35 -13.16
N VAL A 440 -7.65 13.35 -13.13
CA VAL A 440 -7.96 14.10 -14.35
C VAL A 440 -6.90 15.14 -14.68
N ASN A 441 -5.92 15.35 -13.79
CA ASN A 441 -4.79 16.24 -14.01
C ASN A 441 -3.46 15.50 -13.80
N LEU A 442 -3.44 14.20 -14.09
CA LEU A 442 -2.31 13.41 -13.64
C LEU A 442 -1.01 13.83 -14.33
N LYS A 443 -1.05 14.15 -15.62
CA LYS A 443 0.18 14.58 -16.29
C LYS A 443 0.78 15.80 -15.63
N ALA A 444 -0.05 16.80 -15.32
CA ALA A 444 0.41 18.00 -14.59
C ALA A 444 0.92 17.65 -13.20
N CYS A 445 0.31 16.65 -12.54
CA CYS A 445 0.75 16.24 -11.22
C CYS A 445 2.14 15.62 -11.25
N ILE A 446 2.40 14.75 -12.23
CA ILE A 446 3.74 14.18 -12.39
C ILE A 446 4.75 15.28 -12.70
N LYS A 447 4.40 16.20 -13.61
CA LYS A 447 5.31 17.27 -13.98
C LYS A 447 5.68 18.13 -12.78
N ALA A 448 4.69 18.41 -11.92
CA ALA A 448 4.97 19.16 -10.70
C ALA A 448 6.02 18.49 -9.84
N ALA A 449 6.24 17.18 -9.99
CA ALA A 449 7.23 16.48 -9.20
C ALA A 449 8.28 15.81 -10.09
N ALA A 450 8.58 16.42 -11.24
CA ALA A 450 9.34 15.72 -12.27
C ALA A 450 10.75 15.34 -11.82
N ASP A 451 11.34 16.08 -10.87
CA ASP A 451 12.67 15.73 -10.38
C ASP A 451 12.65 14.98 -9.06
N ARG A 452 11.47 14.63 -8.55
CA ARG A 452 11.39 13.86 -7.31
C ARG A 452 10.63 12.55 -7.44
N VAL A 453 9.80 12.39 -8.46
CA VAL A 453 8.81 11.31 -8.45
C VAL A 453 9.48 9.97 -8.72
N VAL A 454 9.17 8.98 -7.89
CA VAL A 454 9.68 7.63 -8.05
C VAL A 454 8.59 6.60 -8.31
N PHE A 455 7.31 6.95 -8.09
CA PHE A 455 6.24 6.11 -8.62
C PHE A 455 4.96 6.91 -8.71
N ILE A 456 4.04 6.37 -9.50
CA ILE A 456 2.63 6.68 -9.38
C ILE A 456 1.95 5.36 -9.07
N ASN A 457 0.84 5.42 -8.33
CA ASN A 457 0.12 4.20 -7.99
C ASN A 457 -1.36 4.49 -7.94
N THR A 458 -2.18 3.63 -8.53
CA THR A 458 -3.64 3.80 -8.46
C THR A 458 -4.13 3.26 -7.11
N GLY A 459 -4.25 4.13 -6.10
CA GLY A 459 -4.94 3.77 -4.88
C GLY A 459 -6.44 3.71 -5.13
N PHE A 460 -6.90 2.57 -5.70
CA PHE A 460 -8.24 2.52 -6.25
C PHE A 460 -9.32 2.61 -5.18
N LEU A 461 -9.01 2.26 -3.93
CA LEU A 461 -10.05 2.29 -2.90
C LEU A 461 -10.35 3.72 -2.49
N ASP A 462 -9.31 4.50 -2.16
CA ASP A 462 -9.51 5.93 -1.93
C ASP A 462 -10.16 6.58 -3.14
N ARG A 463 -9.72 6.18 -4.35
CA ARG A 463 -10.23 6.81 -5.56
C ARG A 463 -11.73 6.58 -5.68
N THR A 464 -12.20 5.38 -5.30
CA THR A 464 -13.62 5.08 -5.29
C THR A 464 -14.36 5.92 -4.25
N GLY A 465 -13.79 6.08 -3.06
CA GLY A 465 -14.40 6.95 -2.08
C GLY A 465 -14.53 8.37 -2.57
N ASP A 466 -13.49 8.88 -3.22
CA ASP A 466 -13.55 10.22 -3.79
C ASP A 466 -14.53 10.29 -4.95
N GLU A 467 -14.60 9.24 -5.77
CA GLU A 467 -15.63 9.19 -6.82
C GLU A 467 -17.02 9.39 -6.24
N ILE A 468 -17.34 8.67 -5.15
CA ILE A 468 -18.66 8.76 -4.54
C ILE A 468 -18.89 10.14 -3.96
N HIS A 469 -17.92 10.67 -3.21
CA HIS A 469 -18.14 11.96 -2.54
C HIS A 469 -18.25 13.08 -3.56
N THR A 470 -17.40 13.07 -4.60
CA THR A 470 -17.38 14.18 -5.54
C THR A 470 -18.73 14.34 -6.22
N SER A 471 -19.36 13.23 -6.60
CA SER A 471 -20.65 13.22 -7.26
C SER A 471 -21.80 12.88 -6.32
N MET A 472 -21.59 13.05 -5.02
CA MET A 472 -22.60 12.76 -4.00
C MET A 472 -23.98 13.32 -4.37
N GLU A 473 -24.03 14.54 -4.92
CA GLU A 473 -25.31 15.18 -5.17
C GLU A 473 -25.95 14.75 -6.49
N ALA A 474 -25.21 14.03 -7.35
CA ALA A 474 -25.72 13.74 -8.69
C ALA A 474 -26.82 12.68 -8.67
N GLY A 475 -26.82 11.79 -7.67
CA GLY A 475 -27.80 10.73 -7.61
C GLY A 475 -27.23 9.52 -6.88
N PRO A 476 -28.03 8.47 -6.73
CA PRO A 476 -27.53 7.28 -6.07
C PRO A 476 -26.54 6.52 -6.94
N MET A 477 -25.44 6.10 -6.32
CA MET A 477 -24.39 5.36 -6.98
C MET A 477 -24.70 3.86 -7.02
N VAL A 478 -24.01 3.17 -7.92
CA VAL A 478 -24.11 1.71 -7.96
C VAL A 478 -23.56 1.11 -6.66
N ARG A 479 -23.98 -0.13 -6.41
CA ARG A 479 -23.50 -0.89 -5.27
C ARG A 479 -21.98 -0.97 -5.29
N LYS A 480 -21.41 -1.10 -4.09
CA LYS A 480 -19.97 -1.06 -3.91
C LYS A 480 -19.27 -2.11 -4.76
N GLY A 481 -19.83 -3.32 -4.79
CA GLY A 481 -19.28 -4.42 -5.59
C GLY A 481 -19.30 -4.21 -7.08
N THR A 482 -20.14 -3.30 -7.59
CA THR A 482 -20.24 -2.97 -9.00
C THR A 482 -19.19 -1.96 -9.44
N MET A 483 -18.56 -1.27 -8.50
CA MET A 483 -17.64 -0.18 -8.86
C MET A 483 -16.47 -0.66 -9.70
N LYS A 484 -15.96 -1.86 -9.41
CA LYS A 484 -14.78 -2.38 -10.08
CA LYS A 484 -14.78 -2.40 -10.09
C LYS A 484 -14.97 -2.56 -11.59
N SER A 485 -16.20 -2.67 -12.06
CA SER A 485 -16.43 -2.81 -13.49
C SER A 485 -16.96 -1.53 -14.15
N GLN A 486 -17.01 -0.41 -13.40
CA GLN A 486 -17.54 0.80 -13.99
C GLN A 486 -16.57 1.44 -14.98
N PRO A 487 -17.10 2.08 -16.03
CA PRO A 487 -16.23 2.78 -16.99
C PRO A 487 -15.20 3.70 -16.35
N TRP A 488 -15.56 4.49 -15.32
CA TRP A 488 -14.61 5.46 -14.77
C TRP A 488 -13.36 4.78 -14.23
N ILE A 489 -13.52 3.62 -13.56
CA ILE A 489 -12.37 3.01 -12.91
C ILE A 489 -11.50 2.29 -13.92
N LEU A 490 -12.09 1.71 -14.97
CA LEU A 490 -11.26 1.12 -16.01
C LEU A 490 -10.46 2.19 -16.74
N ALA A 491 -11.08 3.33 -17.04
CA ALA A 491 -10.34 4.43 -17.65
C ALA A 491 -9.23 4.92 -16.73
N TYR A 492 -9.55 5.06 -15.45
CA TYR A 492 -8.60 5.54 -14.46
C TYR A 492 -7.33 4.69 -14.44
N GLU A 493 -7.49 3.36 -14.43
CA GLU A 493 -6.33 2.46 -14.38
C GLU A 493 -5.47 2.58 -15.64
N ASP A 494 -6.11 2.60 -16.82
CA ASP A 494 -5.35 2.72 -18.06
C ASP A 494 -4.69 4.09 -18.19
N HIS A 495 -5.44 5.15 -17.84
CA HIS A 495 -4.91 6.52 -17.89
C HIS A 495 -3.65 6.66 -17.05
N ASN A 496 -3.62 6.00 -15.88
CA ASN A 496 -2.47 6.11 -15.00
C ASN A 496 -1.23 5.50 -15.65
N VAL A 497 -1.39 4.32 -16.26
CA VAL A 497 -0.27 3.68 -16.94
C VAL A 497 0.19 4.53 -18.12
N ASP A 498 -0.76 5.01 -18.92
CA ASP A 498 -0.44 5.84 -20.08
C ASP A 498 0.38 7.06 -19.68
N ALA A 499 -0.07 7.79 -18.66
CA ALA A 499 0.65 9.00 -18.24
C ALA A 499 2.04 8.66 -17.71
N GLY A 500 2.16 7.61 -16.90
CA GLY A 500 3.45 7.16 -16.43
C GLY A 500 4.41 6.87 -17.57
N LEU A 501 4.00 5.98 -18.49
CA LEU A 501 4.87 5.64 -19.62
C LEU A 501 5.19 6.87 -20.46
N ALA A 502 4.21 7.76 -20.66
CA ALA A 502 4.43 8.97 -21.44
C ALA A 502 5.46 9.89 -20.80
N ALA A 503 5.53 9.90 -19.47
CA ALA A 503 6.49 10.70 -18.74
C ALA A 503 7.84 10.01 -18.60
N GLY A 504 8.02 8.88 -19.29
CA GLY A 504 9.28 8.17 -19.29
C GLY A 504 9.52 7.28 -18.09
N PHE A 505 8.47 6.72 -17.49
CA PHE A 505 8.68 5.93 -16.28
C PHE A 505 9.44 4.64 -16.54
N SER A 506 9.28 4.04 -17.73
CA SER A 506 9.98 2.79 -18.02
C SER A 506 11.48 2.98 -17.82
N GLY A 507 12.04 2.22 -16.89
CA GLY A 507 13.46 2.35 -16.59
C GLY A 507 13.82 3.48 -15.64
N ARG A 508 12.84 4.21 -15.09
CA ARG A 508 13.09 5.35 -14.21
C ARG A 508 12.25 5.37 -12.95
N ALA A 509 11.00 4.91 -13.01
CA ALA A 509 10.10 5.00 -11.86
C ALA A 509 9.01 3.93 -11.99
N GLN A 510 8.47 3.54 -10.84
CA GLN A 510 7.45 2.49 -10.82
C GLN A 510 6.10 2.99 -11.32
N VAL A 511 5.40 2.13 -12.04
CA VAL A 511 3.98 2.31 -12.34
C VAL A 511 3.25 1.24 -11.53
N GLY A 512 2.52 1.65 -10.50
CA GLY A 512 1.99 0.72 -9.50
C GLY A 512 0.48 0.61 -9.52
N LYS A 513 -0.03 -0.55 -9.10
CA LYS A 513 -1.46 -0.73 -8.94
C LYS A 513 -1.76 -1.25 -7.54
N GLY A 514 -3.05 -1.45 -7.23
CA GLY A 514 -3.52 -1.43 -5.86
C GLY A 514 -3.57 -2.77 -5.13
N MET A 515 -4.19 -2.73 -3.96
CA MET A 515 -4.04 -3.75 -2.93
C MET A 515 -5.01 -4.91 -3.15
N TRP A 516 -4.49 -6.13 -3.00
CA TRP A 516 -5.33 -7.30 -2.87
C TRP A 516 -5.75 -7.47 -1.42
N THR A 517 -7.06 -7.43 -1.15
CA THR A 517 -7.57 -7.39 0.22
C THR A 517 -8.12 -8.71 0.73
N MET A 518 -8.33 -9.69 -0.14
CA MET A 518 -8.93 -10.96 0.28
CA MET A 518 -8.93 -10.96 0.26
C MET A 518 -7.82 -11.88 0.76
N THR A 519 -7.49 -11.76 2.06
CA THR A 519 -6.29 -12.37 2.63
CA THR A 519 -6.26 -12.35 2.55
C THR A 519 -6.27 -13.88 2.44
N GLU A 520 -7.42 -14.51 2.58
CA GLU A 520 -7.43 -15.96 2.56
CA GLU A 520 -7.49 -15.96 2.57
C GLU A 520 -7.65 -16.53 1.17
N LEU A 521 -7.97 -15.70 0.18
CA LEU A 521 -8.24 -16.18 -1.16
C LEU A 521 -7.00 -16.05 -2.04
N MET A 522 -5.99 -16.85 -1.68
CA MET A 522 -4.72 -16.79 -2.41
C MET A 522 -4.78 -17.53 -3.75
N ALA A 523 -5.57 -18.60 -3.85
CA ALA A 523 -5.77 -19.18 -5.18
C ALA A 523 -6.36 -18.14 -6.12
N ASP A 524 -7.38 -17.41 -5.64
CA ASP A 524 -7.97 -16.34 -6.42
CA ASP A 524 -7.97 -16.35 -6.44
C ASP A 524 -6.95 -15.28 -6.78
N MET A 525 -6.12 -14.86 -5.80
CA MET A 525 -5.12 -13.84 -6.10
C MET A 525 -4.16 -14.31 -7.18
N VAL A 526 -3.71 -15.57 -7.08
CA VAL A 526 -2.80 -16.08 -8.10
C VAL A 526 -3.49 -16.12 -9.46
N GLU A 527 -4.80 -16.39 -9.47
CA GLU A 527 -5.54 -16.46 -10.73
C GLU A 527 -5.76 -15.08 -11.35
N THR A 528 -6.06 -14.05 -10.55
CA THR A 528 -6.55 -12.82 -11.17
CA THR A 528 -6.56 -12.82 -11.14
C THR A 528 -5.60 -11.63 -11.07
N LYS A 529 -4.75 -11.55 -10.03
CA LYS A 529 -3.87 -10.39 -9.87
C LYS A 529 -2.82 -10.29 -10.96
N ILE A 530 -2.63 -11.34 -11.77
CA ILE A 530 -1.75 -11.27 -12.94
C ILE A 530 -2.20 -10.18 -13.91
N ALA A 531 -3.46 -9.75 -13.83
CA ALA A 531 -3.94 -8.67 -14.68
C ALA A 531 -3.12 -7.40 -14.49
N GLN A 532 -2.60 -7.15 -13.29
CA GLN A 532 -1.90 -5.89 -13.06
C GLN A 532 -0.57 -5.82 -13.81
N PRO A 533 0.34 -6.80 -13.70
CA PRO A 533 1.52 -6.71 -14.57
C PRO A 533 1.18 -6.87 -16.05
N ARG A 534 0.11 -7.61 -16.40
CA ARG A 534 -0.31 -7.63 -17.80
C ARG A 534 -0.76 -6.25 -18.29
N ALA A 535 -1.20 -5.39 -17.37
CA ALA A 535 -1.58 -4.03 -17.70
C ALA A 535 -0.39 -3.08 -17.73
N GLY A 536 0.82 -3.60 -17.56
CA GLY A 536 2.02 -2.80 -17.64
C GLY A 536 2.47 -2.20 -16.32
N ALA A 537 1.91 -2.64 -15.20
CA ALA A 537 2.32 -2.14 -13.90
C ALA A 537 3.60 -2.83 -13.47
N SER A 538 4.62 -2.05 -13.12
CA SER A 538 5.86 -2.65 -12.66
C SER A 538 5.84 -2.99 -11.17
N THR A 539 4.75 -2.65 -10.49
CA THR A 539 4.56 -3.14 -9.12
C THR A 539 3.08 -3.09 -8.79
N ALA A 540 2.70 -3.84 -7.75
CA ALA A 540 1.35 -3.73 -7.22
C ALA A 540 1.37 -4.17 -5.77
N TRP A 541 0.31 -3.83 -5.04
CA TRP A 541 0.35 -3.91 -3.59
C TRP A 541 -0.17 -5.25 -3.07
N VAL A 542 0.50 -5.76 -2.04
CA VAL A 542 0.07 -6.95 -1.31
C VAL A 542 0.12 -6.63 0.18
N PRO A 543 -0.68 -7.32 0.99
CA PRO A 543 -0.68 -7.01 2.43
C PRO A 543 0.09 -7.97 3.32
N SER A 544 0.82 -8.96 2.79
CA SER A 544 1.55 -9.87 3.67
C SER A 544 2.77 -10.38 2.94
N PRO A 545 3.80 -10.81 3.68
CA PRO A 545 4.93 -11.50 3.01
C PRO A 545 4.49 -12.70 2.18
N THR A 546 3.52 -13.48 2.65
CA THR A 546 3.05 -14.64 1.89
C THR A 546 2.45 -14.19 0.57
N ALA A 547 1.61 -13.15 0.60
CA ALA A 547 1.03 -12.65 -0.64
C ALA A 547 2.11 -12.08 -1.57
N ALA A 548 3.18 -11.51 -1.00
CA ALA A 548 4.28 -11.02 -1.82
C ALA A 548 4.92 -12.17 -2.60
N THR A 549 5.21 -13.28 -1.91
CA THR A 549 5.83 -14.43 -2.56
C THR A 549 4.96 -14.97 -3.68
N LEU A 550 3.64 -15.08 -3.45
CA LEU A 550 2.74 -15.61 -4.47
C LEU A 550 2.56 -14.62 -5.63
N HIS A 551 2.47 -13.32 -5.34
CA HIS A 551 2.33 -12.34 -6.41
C HIS A 551 3.61 -12.27 -7.26
N ALA A 552 4.77 -12.61 -6.66
CA ALA A 552 6.00 -12.69 -7.43
C ALA A 552 5.87 -13.64 -8.62
N LEU A 553 5.08 -14.71 -8.49
CA LEU A 553 4.87 -15.62 -9.61
C LEU A 553 4.43 -14.88 -10.86
N HIS A 554 3.64 -13.82 -10.71
CA HIS A 554 3.09 -13.14 -11.88
C HIS A 554 4.17 -12.41 -12.68
N TYR A 555 5.20 -11.91 -12.01
CA TYR A 555 6.27 -11.19 -12.68
C TYR A 555 7.21 -12.13 -13.42
N HIS A 556 7.22 -13.42 -13.05
CA HIS A 556 7.92 -14.42 -13.83
C HIS A 556 7.14 -14.82 -15.07
N GLN A 557 5.80 -14.79 -14.99
CA GLN A 557 4.98 -15.14 -16.14
C GLN A 557 4.84 -13.99 -17.12
N VAL A 558 4.85 -12.76 -16.63
CA VAL A 558 4.61 -11.57 -17.44
C VAL A 558 5.92 -10.81 -17.56
N ASP A 559 6.29 -10.44 -18.78
CA ASP A 559 7.49 -9.61 -19.03
C ASP A 559 7.03 -8.15 -19.04
N VAL A 560 7.04 -7.53 -17.85
CA VAL A 560 6.47 -6.19 -17.70
C VAL A 560 7.22 -5.18 -18.56
N ALA A 561 8.55 -5.29 -18.64
CA ALA A 561 9.31 -4.40 -19.50
C ALA A 561 8.83 -4.50 -20.95
N ALA A 562 8.60 -5.73 -21.43
CA ALA A 562 8.05 -5.90 -22.77
C ALA A 562 6.68 -5.26 -22.87
N VAL A 563 5.82 -5.48 -21.86
CA VAL A 563 4.46 -4.95 -21.92
C VAL A 563 4.48 -3.43 -21.99
N GLN A 564 5.34 -2.81 -21.18
CA GLN A 564 5.43 -1.35 -21.17
C GLN A 564 5.90 -0.81 -22.51
N GLN A 565 6.91 -1.46 -23.11
CA GLN A 565 7.37 -1.03 -24.43
C GLN A 565 6.25 -1.11 -25.45
N GLY A 566 5.43 -2.17 -25.39
CA GLY A 566 4.30 -2.28 -26.29
C GLY A 566 3.24 -1.23 -26.08
N LEU A 567 3.10 -0.73 -24.84
CA LEU A 567 2.08 0.25 -24.52
C LEU A 567 2.48 1.68 -24.85
N ALA A 568 3.76 1.93 -25.13
CA ALA A 568 4.27 3.28 -25.30
C ALA A 568 3.53 4.02 -26.41
N GLY A 569 3.17 5.27 -26.13
CA GLY A 569 2.49 6.11 -27.08
C GLY A 569 0.98 5.99 -27.10
N LYS A 570 0.42 4.97 -26.44
CA LYS A 570 -1.02 4.75 -26.52
C LYS A 570 -1.77 5.74 -25.62
N ARG A 571 -2.93 6.17 -26.09
CA ARG A 571 -3.81 7.06 -25.34
C ARG A 571 -5.16 6.36 -25.24
N ARG A 572 -5.35 5.59 -24.17
CA ARG A 572 -6.42 4.60 -24.10
C ARG A 572 -7.62 5.05 -23.26
N ALA A 573 -7.56 6.20 -22.61
CA ALA A 573 -8.69 6.73 -21.87
C ALA A 573 -8.93 8.16 -22.30
N THR A 574 -10.18 8.50 -22.57
CA THR A 574 -10.54 9.88 -22.81
C THR A 574 -10.94 10.55 -21.51
N ILE A 575 -10.90 11.88 -21.51
CA ILE A 575 -11.44 12.62 -20.38
C ILE A 575 -12.91 12.28 -20.13
N GLU A 576 -13.68 12.02 -21.20
CA GLU A 576 -15.09 11.71 -20.97
C GLU A 576 -15.26 10.41 -20.20
N GLN A 577 -14.45 9.40 -20.52
CA GLN A 577 -14.51 8.15 -19.79
C GLN A 577 -14.10 8.34 -18.34
N LEU A 578 -13.02 9.09 -18.09
CA LEU A 578 -12.59 9.36 -16.72
C LEU A 578 -13.70 10.01 -15.91
N LEU A 579 -14.51 10.86 -16.55
CA LEU A 579 -15.53 11.63 -15.87
C LEU A 579 -16.90 10.94 -15.84
N THR A 580 -17.01 9.69 -16.25
CA THR A 580 -18.31 9.02 -16.28
C THR A 580 -18.72 8.64 -14.85
N ILE A 581 -19.73 9.32 -14.32
CA ILE A 581 -20.11 9.15 -12.91
C ILE A 581 -20.83 7.82 -12.73
N PRO A 582 -20.49 7.02 -11.71
CA PRO A 582 -21.08 5.67 -11.56
C PRO A 582 -22.49 5.67 -10.96
N LEU A 583 -23.39 6.40 -11.61
CA LEU A 583 -24.78 6.46 -11.17
C LEU A 583 -25.52 5.16 -11.47
N ALA A 584 -26.37 4.76 -10.54
CA ALA A 584 -27.26 3.63 -10.77
C ALA A 584 -28.41 4.03 -11.69
N LYS A 585 -28.90 3.07 -12.46
CA LYS A 585 -30.14 3.28 -13.20
C LYS A 585 -31.32 3.14 -12.26
N GLU A 586 -32.43 3.80 -12.61
CA GLU A 586 -33.62 3.71 -11.78
C GLU A 586 -34.14 2.26 -11.77
N LEU A 587 -34.89 1.93 -10.71
CA LEU A 587 -35.48 0.60 -10.52
C LEU A 587 -34.43 -0.48 -10.34
N ALA A 588 -33.19 -0.09 -10.02
CA ALA A 588 -32.07 -1.03 -10.14
C ALA A 588 -32.16 -2.19 -9.16
N TRP A 589 -32.79 -2.00 -8.00
CA TRP A 589 -32.61 -2.96 -6.91
C TRP A 589 -33.91 -3.40 -6.28
N ALA A 590 -33.99 -4.70 -6.03
CA ALA A 590 -35.04 -5.27 -5.21
C ALA A 590 -34.77 -4.98 -3.73
N PRO A 591 -35.80 -5.06 -2.89
CA PRO A 591 -35.59 -4.82 -1.45
C PRO A 591 -34.48 -5.67 -0.85
N ASP A 592 -34.39 -6.94 -1.26
CA ASP A 592 -33.38 -7.81 -0.66
C ASP A 592 -31.97 -7.41 -1.08
N GLU A 593 -31.80 -6.87 -2.29
CA GLU A 593 -30.48 -6.40 -2.72
C GLU A 593 -30.06 -5.16 -1.92
N ILE A 594 -30.98 -4.21 -1.74
CA ILE A 594 -30.70 -3.04 -0.92
C ILE A 594 -30.32 -3.46 0.50
N ARG A 595 -31.11 -4.37 1.08
CA ARG A 595 -30.85 -4.85 2.43
CA ARG A 595 -30.85 -4.84 2.43
C ARG A 595 -29.45 -5.46 2.54
N GLU A 596 -29.06 -6.24 1.54
CA GLU A 596 -27.73 -6.87 1.56
C GLU A 596 -26.63 -5.82 1.49
N GLU A 597 -26.79 -4.81 0.64
CA GLU A 597 -25.78 -3.77 0.55
C GLU A 597 -25.65 -3.02 1.86
N VAL A 598 -26.79 -2.69 2.49
CA VAL A 598 -26.76 -1.94 3.75
C VAL A 598 -26.12 -2.78 4.85
N ASP A 599 -26.57 -4.02 5.01
CA ASP A 599 -26.01 -4.92 6.03
C ASP A 599 -24.52 -5.14 5.81
N ASN A 600 -24.12 -5.42 4.57
CA ASN A 600 -22.70 -5.67 4.29
C ASN A 600 -21.86 -4.46 4.65
N ASN A 601 -22.29 -3.27 4.23
CA ASN A 601 -21.51 -2.07 4.51
C ASN A 601 -21.47 -1.78 6.01
N CYS A 602 -22.60 -1.93 6.69
CA CYS A 602 -22.63 -1.71 8.14
C CYS A 602 -21.73 -2.70 8.87
N GLN A 603 -21.72 -3.96 8.45
CA GLN A 603 -20.88 -4.95 9.10
C GLN A 603 -19.41 -4.60 8.93
N SER A 604 -19.00 -4.29 7.70
CA SER A 604 -17.61 -3.94 7.44
CA SER A 604 -17.61 -3.96 7.48
C SER A 604 -17.21 -2.67 8.19
N ILE A 605 -18.12 -1.68 8.25
CA ILE A 605 -17.82 -0.44 8.96
C ILE A 605 -17.64 -0.71 10.45
N LEU A 606 -18.62 -1.37 11.08
CA LEU A 606 -18.54 -1.67 12.50
C LEU A 606 -17.33 -2.54 12.84
N GLY A 607 -17.07 -3.55 12.03
CA GLY A 607 -15.92 -4.42 12.31
C GLY A 607 -14.60 -3.67 12.30
N TYR A 608 -14.45 -2.73 11.38
CA TYR A 608 -13.22 -1.96 11.33
C TYR A 608 -13.17 -0.89 12.41
N VAL A 609 -14.26 -0.15 12.57
CA VAL A 609 -14.26 1.01 13.46
C VAL A 609 -14.12 0.60 14.93
N VAL A 610 -14.66 -0.55 15.31
CA VAL A 610 -14.64 -0.92 16.73
C VAL A 610 -13.21 -1.17 17.20
N ARG A 611 -12.36 -1.74 16.33
CA ARG A 611 -10.97 -1.95 16.75
C ARG A 611 -10.12 -0.71 16.56
N TRP A 612 -10.51 0.18 15.64
CA TRP A 612 -9.87 1.49 15.51
C TRP A 612 -10.08 2.30 16.78
N VAL A 613 -11.34 2.43 17.21
CA VAL A 613 -11.68 3.38 18.27
C VAL A 613 -11.32 2.83 19.64
N ASP A 614 -11.60 1.54 19.88
CA ASP A 614 -11.38 0.98 21.22
C ASP A 614 -9.96 0.48 21.42
N GLN A 615 -9.26 0.07 20.35
CA GLN A 615 -7.94 -0.52 20.54
C GLN A 615 -6.83 0.14 19.73
N GLY A 616 -7.15 1.18 18.95
CA GLY A 616 -6.13 1.85 18.16
C GLY A 616 -5.49 0.97 17.10
N VAL A 617 -6.27 0.07 16.49
CA VAL A 617 -5.78 -0.80 15.43
C VAL A 617 -6.30 -0.24 14.11
N GLY A 618 -5.38 0.18 13.24
CA GLY A 618 -5.77 0.81 12.00
C GLY A 618 -5.92 -0.10 10.80
N ALA A 619 -5.62 -1.39 10.94
CA ALA A 619 -5.82 -2.38 9.88
C ALA A 619 -6.30 -3.66 10.52
N SER A 620 -7.44 -4.17 10.04
CA SER A 620 -8.08 -5.32 10.67
C SER A 620 -8.65 -6.22 9.58
N LYS A 621 -8.52 -7.53 9.77
CA LYS A 621 -9.19 -8.50 8.93
C LYS A 621 -10.64 -8.62 9.39
N VAL A 622 -11.60 -8.25 8.53
CA VAL A 622 -13.00 -8.20 8.92
C VAL A 622 -13.81 -9.04 7.94
N PRO A 623 -14.48 -10.10 8.38
CA PRO A 623 -15.32 -10.87 7.45
C PRO A 623 -16.51 -10.05 7.00
N ASP A 624 -16.81 -10.12 5.72
CA ASP A 624 -17.96 -9.40 5.21
C ASP A 624 -19.22 -10.27 5.33
N ILE A 625 -20.34 -9.82 4.77
CA ILE A 625 -21.59 -10.56 4.89
C ILE A 625 -21.53 -11.90 4.17
N HIS A 626 -20.60 -12.09 3.25
CA HIS A 626 -20.41 -13.39 2.62
C HIS A 626 -19.29 -14.19 3.28
N ASP A 627 -18.91 -13.81 4.50
CA ASP A 627 -17.86 -14.46 5.28
C ASP A 627 -16.49 -14.45 4.59
N VAL A 628 -16.27 -13.51 3.68
CA VAL A 628 -14.96 -13.33 3.06
C VAL A 628 -14.12 -12.42 3.94
N ALA A 629 -12.93 -12.90 4.33
CA ALA A 629 -12.04 -12.14 5.20
C ALA A 629 -11.39 -11.03 4.40
N LEU A 630 -11.70 -9.79 4.75
CA LEU A 630 -11.21 -8.63 4.02
C LEU A 630 -10.26 -7.84 4.91
N MET A 631 -9.09 -7.51 4.36
CA MET A 631 -8.16 -6.59 5.02
CA MET A 631 -8.19 -6.59 5.06
C MET A 631 -8.69 -5.18 4.88
N GLU A 632 -9.15 -4.59 5.98
CA GLU A 632 -9.76 -3.27 5.98
C GLU A 632 -8.79 -2.20 6.46
N ASP A 633 -8.89 -1.02 5.83
N ASP A 633 -8.85 -1.03 5.83
CA ASP A 633 -8.17 0.18 6.22
CA ASP A 633 -8.25 0.16 6.41
C ASP A 633 -9.15 1.35 6.19
C ASP A 633 -9.12 1.37 6.03
N ARG A 634 -8.62 2.57 6.29
CA ARG A 634 -9.48 3.76 6.18
C ARG A 634 -10.10 3.93 4.79
N ALA A 635 -9.39 3.50 3.73
CA ALA A 635 -9.93 3.68 2.38
C ALA A 635 -11.17 2.82 2.14
N THR A 636 -11.14 1.57 2.59
CA THR A 636 -12.33 0.74 2.41
C THR A 636 -13.47 1.27 3.28
N LEU A 637 -13.12 1.81 4.46
CA LEU A 637 -14.12 2.48 5.28
C LEU A 637 -14.69 3.70 4.57
N ARG A 638 -13.83 4.47 3.90
CA ARG A 638 -14.33 5.63 3.16
CA ARG A 638 -14.31 5.63 3.16
C ARG A 638 -15.36 5.22 2.11
N ILE A 639 -15.12 4.11 1.40
CA ILE A 639 -16.10 3.67 0.42
C ILE A 639 -17.43 3.33 1.08
N SER A 640 -17.38 2.46 2.11
CA SER A 640 -18.62 1.95 2.67
C SER A 640 -19.44 3.08 3.28
N SER A 641 -18.80 3.95 4.06
CA SER A 641 -19.52 5.04 4.69
C SER A 641 -20.05 6.02 3.65
N GLN A 642 -19.27 6.32 2.61
CA GLN A 642 -19.74 7.25 1.59
C GLN A 642 -20.89 6.64 0.79
N LEU A 643 -20.81 5.35 0.47
CA LEU A 643 -21.91 4.75 -0.29
C LEU A 643 -23.22 4.80 0.50
N LEU A 644 -23.18 4.47 1.79
CA LEU A 644 -24.41 4.53 2.59
C LEU A 644 -24.87 5.97 2.76
N ALA A 645 -23.94 6.92 2.94
CA ALA A 645 -24.30 8.33 2.98
C ALA A 645 -24.98 8.75 1.68
N ASN A 646 -24.48 8.25 0.55
CA ASN A 646 -25.08 8.57 -0.75
C ASN A 646 -26.47 7.97 -0.88
N TRP A 647 -26.66 6.73 -0.43
CA TRP A 647 -27.96 6.09 -0.53
C TRP A 647 -28.97 6.75 0.40
N LEU A 648 -28.51 7.19 1.59
CA LEU A 648 -29.40 7.93 2.49
C LEU A 648 -29.75 9.29 1.89
N ARG A 649 -28.78 9.94 1.23
CA ARG A 649 -28.98 11.26 0.66
C ARG A 649 -30.05 11.25 -0.44
N HIS A 650 -30.14 10.16 -1.20
CA HIS A 650 -31.08 10.14 -2.31
C HIS A 650 -32.28 9.24 -2.05
N GLY A 651 -32.53 8.85 -0.81
CA GLY A 651 -33.76 8.15 -0.50
C GLY A 651 -33.82 6.68 -0.88
N VAL A 652 -32.68 6.07 -1.19
CA VAL A 652 -32.66 4.62 -1.40
C VAL A 652 -32.98 3.91 -0.11
N ILE A 653 -32.54 4.48 1.02
CA ILE A 653 -32.76 3.91 2.34
C ILE A 653 -33.18 5.03 3.28
N THR A 654 -33.82 4.66 4.39
CA THR A 654 -34.23 5.63 5.40
C THR A 654 -33.27 5.62 6.58
N SER A 655 -33.41 6.62 7.46
CA SER A 655 -32.59 6.68 8.66
C SER A 655 -32.91 5.52 9.60
N ALA A 656 -34.14 5.00 9.53
CA ALA A 656 -34.47 3.81 10.32
C ALA A 656 -33.76 2.58 9.76
N ASP A 657 -33.64 2.49 8.44
CA ASP A 657 -32.92 1.37 7.83
C ASP A 657 -31.46 1.32 8.31
N VAL A 658 -30.79 2.47 8.31
CA VAL A 658 -29.40 2.54 8.73
C VAL A 658 -29.24 2.13 10.19
N ARG A 659 -30.04 2.74 11.07
CA ARG A 659 -29.93 2.43 12.49
C ARG A 659 -30.20 0.95 12.76
N ALA A 660 -31.24 0.41 12.12
CA ALA A 660 -31.59 -1.00 12.33
C ALA A 660 -30.46 -1.91 11.85
N SER A 661 -29.87 -1.61 10.70
CA SER A 661 -28.79 -2.45 10.21
C SER A 661 -27.58 -2.39 11.15
N LEU A 662 -27.19 -1.17 11.57
CA LEU A 662 -26.11 -1.05 12.54
C LEU A 662 -26.41 -1.85 13.80
N GLU A 663 -27.64 -1.75 14.32
CA GLU A 663 -27.95 -2.48 15.54
C GLU A 663 -27.95 -3.98 15.30
N ARG A 664 -28.35 -4.41 14.09
CA ARG A 664 -28.39 -5.82 13.77
C ARG A 664 -26.99 -6.40 13.62
N MET A 665 -26.08 -5.64 13.01
CA MET A 665 -24.74 -6.17 12.74
C MET A 665 -23.81 -6.01 13.92
N ALA A 666 -24.08 -5.05 14.83
CA ALA A 666 -23.17 -4.82 15.95
C ALA A 666 -22.95 -6.05 16.81
N PRO A 667 -23.98 -6.79 17.25
CA PRO A 667 -23.70 -7.99 18.05
C PRO A 667 -23.02 -9.09 17.27
N LEU A 668 -23.17 -9.11 15.94
CA LEU A 668 -22.41 -10.05 15.14
C LEU A 668 -20.93 -9.69 15.14
N VAL A 669 -20.60 -8.40 15.11
CA VAL A 669 -19.21 -7.98 15.28
C VAL A 669 -18.73 -8.31 16.68
N ASP A 670 -19.56 -8.05 17.70
CA ASP A 670 -19.19 -8.39 19.07
C ASP A 670 -18.80 -9.86 19.18
N ARG A 671 -19.59 -10.74 18.55
CA ARG A 671 -19.32 -12.18 18.63
C ARG A 671 -18.03 -12.52 17.91
N GLN A 672 -17.81 -11.95 16.72
CA GLN A 672 -16.59 -12.23 15.97
C GLN A 672 -15.34 -11.83 16.74
N ASN A 673 -15.45 -10.94 17.71
CA ASN A 673 -14.29 -10.50 18.46
C ASN A 673 -14.13 -11.17 19.80
N ALA A 674 -15.23 -11.64 20.39
CA ALA A 674 -15.33 -12.28 21.71
C ALA A 674 -14.08 -12.60 22.53
N GLY A 675 -12.97 -12.97 21.90
CA GLY A 675 -11.76 -13.21 22.69
C GLY A 675 -10.40 -13.37 22.06
N ASP A 676 -9.57 -12.32 21.95
CA ASP A 676 -9.74 -10.89 22.32
C ASP A 676 -10.22 -10.45 23.69
N VAL A 677 -9.29 -10.21 24.60
CA VAL A 677 -9.61 -9.79 25.97
C VAL A 677 -9.75 -8.29 26.22
N ALA A 678 -9.20 -7.48 25.33
CA ALA A 678 -9.31 -6.03 25.34
C ALA A 678 -10.55 -5.53 24.61
N TYR A 679 -11.42 -6.43 24.17
CA TYR A 679 -12.59 -6.07 23.38
C TYR A 679 -13.77 -5.82 24.31
N ARG A 680 -14.39 -4.65 24.17
CA ARG A 680 -15.62 -4.37 24.90
C ARG A 680 -16.79 -4.35 23.94
N PRO A 681 -17.85 -5.13 24.23
CA PRO A 681 -18.97 -5.23 23.30
C PRO A 681 -19.68 -3.91 23.08
N MET A 682 -20.18 -3.74 21.85
CA MET A 682 -21.01 -2.58 21.51
C MET A 682 -22.45 -2.77 21.97
N ALA A 683 -22.99 -3.95 21.77
CA ALA A 683 -24.35 -4.25 22.17
C ALA A 683 -24.40 -4.62 23.66
N PRO A 684 -25.53 -4.34 24.34
CA PRO A 684 -26.77 -3.79 23.80
C PRO A 684 -26.90 -2.27 23.94
N ASN A 685 -26.02 -1.64 24.71
CA ASN A 685 -26.13 -0.22 25.05
C ASN A 685 -25.39 0.62 24.00
N PHE A 686 -25.99 0.66 22.81
CA PHE A 686 -25.37 1.28 21.65
C PHE A 686 -25.06 2.74 21.92
N ASP A 687 -25.95 3.47 22.60
CA ASP A 687 -25.70 4.87 22.83
C ASP A 687 -24.60 5.12 23.86
N ASP A 688 -24.05 4.07 24.47
CA ASP A 688 -22.93 4.20 25.39
C ASP A 688 -21.60 3.78 24.77
N SER A 689 -21.63 3.25 23.55
CA SER A 689 -20.41 2.77 22.89
C SER A 689 -19.87 3.89 22.01
N ILE A 690 -18.69 4.41 22.36
CA ILE A 690 -18.04 5.40 21.51
C ILE A 690 -17.78 4.82 20.11
N ALA A 691 -17.38 3.56 20.03
CA ALA A 691 -17.12 2.93 18.74
C ALA A 691 -18.40 2.85 17.90
N PHE A 692 -19.51 2.42 18.50
CA PHE A 692 -20.78 2.37 17.77
C PHE A 692 -21.16 3.74 17.25
N LEU A 693 -21.06 4.76 18.12
CA LEU A 693 -21.43 6.12 17.74
C LEU A 693 -20.51 6.67 16.66
N ALA A 694 -19.24 6.24 16.64
CA ALA A 694 -18.35 6.65 15.55
C ALA A 694 -18.81 6.05 14.23
N ALA A 695 -19.18 4.76 14.25
CA ALA A 695 -19.67 4.11 13.05
C ALA A 695 -20.91 4.80 12.52
N GLN A 696 -21.85 5.11 13.42
CA GLN A 696 -23.07 5.80 13.03
C GLN A 696 -22.76 7.17 12.44
N GLU A 697 -21.85 7.92 13.09
CA GLU A 697 -21.49 9.26 12.65
C GLU A 697 -20.82 9.26 11.29
N LEU A 698 -19.98 8.26 11.03
CA LEU A 698 -19.36 8.15 9.70
C LEU A 698 -20.40 8.05 8.60
N ILE A 699 -21.54 7.40 8.87
CA ILE A 699 -22.59 7.30 7.87
C ILE A 699 -23.46 8.56 7.86
N LEU A 700 -24.03 8.92 9.02
CA LEU A 700 -25.02 9.99 9.05
C LEU A 700 -24.42 11.37 8.80
N SER A 701 -23.12 11.54 9.05
CA SER A 701 -22.43 12.78 8.74
C SER A 701 -21.49 12.64 7.55
N GLY A 702 -21.55 11.52 6.83
CA GLY A 702 -20.60 11.27 5.75
C GLY A 702 -20.62 12.35 4.67
N ALA A 703 -21.81 12.80 4.28
CA ALA A 703 -21.86 13.81 3.23
C ALA A 703 -21.18 15.10 3.64
N GLN A 704 -21.05 15.37 4.93
CA GLN A 704 -20.47 16.63 5.39
C GLN A 704 -18.99 16.50 5.73
N GLN A 705 -18.41 15.32 5.61
CA GLN A 705 -16.97 15.21 5.85
C GLN A 705 -16.20 15.70 4.62
N PRO A 706 -15.06 16.35 4.82
CA PRO A 706 -14.31 16.91 3.68
C PRO A 706 -13.82 15.81 2.76
N ASN A 707 -14.29 15.85 1.50
CA ASN A 707 -13.99 14.81 0.50
C ASN A 707 -14.30 13.41 1.03
N GLY A 708 -15.25 13.32 1.95
CA GLY A 708 -15.62 12.07 2.56
C GLY A 708 -14.56 11.41 3.40
N TYR A 709 -13.55 12.15 3.87
CA TYR A 709 -12.50 11.55 4.66
C TYR A 709 -13.03 11.10 6.03
N THR A 710 -12.49 9.99 6.51
CA THR A 710 -12.90 9.37 7.75
C THR A 710 -12.07 9.82 8.96
N GLU A 711 -10.87 10.35 8.74
CA GLU A 711 -9.99 10.70 9.85
C GLU A 711 -10.61 11.70 10.83
N PRO A 712 -11.28 12.77 10.39
CA PRO A 712 -11.84 13.70 11.40
C PRO A 712 -12.67 13.02 12.46
N ILE A 713 -13.56 12.11 12.07
CA ILE A 713 -14.39 11.43 13.04
C ILE A 713 -13.60 10.38 13.80
N LEU A 714 -12.80 9.57 13.10
CA LEU A 714 -12.04 8.53 13.76
C LEU A 714 -11.12 9.12 14.82
N HIS A 715 -10.39 10.19 14.46
CA HIS A 715 -9.43 10.75 15.41
C HIS A 715 -10.15 11.31 16.62
N ARG A 716 -11.25 12.03 16.40
CA ARG A 716 -12.03 12.59 17.50
C ARG A 716 -12.57 11.49 18.40
N ARG A 717 -13.14 10.42 17.81
CA ARG A 717 -13.74 9.36 18.60
C ARG A 717 -12.69 8.53 19.33
N ARG A 718 -11.53 8.29 18.69
CA ARG A 718 -10.44 7.59 19.36
C ARG A 718 -9.91 8.41 20.54
N ARG A 719 -9.73 9.72 20.35
CA ARG A 719 -9.30 10.57 21.46
C ARG A 719 -10.34 10.58 22.57
N GLU A 720 -11.62 10.61 22.21
CA GLU A 720 -12.69 10.50 23.20
C GLU A 720 -12.57 9.19 23.98
N PHE A 721 -12.34 8.07 23.28
CA PHE A 721 -12.19 6.80 23.97
C PHE A 721 -11.00 6.81 24.92
N LYS A 722 -9.87 7.34 24.47
CA LYS A 722 -8.69 7.41 25.33
C LYS A 722 -8.96 8.26 26.57
N ALA A 723 -9.68 9.38 26.39
CA ALA A 723 -9.96 10.24 27.54
C ALA A 723 -10.84 9.51 28.55
N ARG A 724 -11.78 8.70 28.08
CA ARG A 724 -12.63 7.95 29.00
CA ARG A 724 -12.63 7.95 28.99
C ARG A 724 -11.85 6.87 29.73
N ALA A 725 -10.98 6.16 29.02
CA ALA A 725 -10.16 5.13 29.66
C ALA A 725 -9.17 5.73 30.64
N ALA A 726 -8.93 7.05 30.58
CA ALA A 726 -7.97 7.68 31.47
C ALA A 726 -8.60 8.08 32.80
N GLU A 727 -9.90 8.35 32.82
CA GLU A 727 -10.57 8.79 34.05
C GLU A 727 -11.24 7.62 34.76
#